data_7QP9
#
_entry.id   7QP9
#
_cell.length_a   1.00
_cell.length_b   1.00
_cell.length_c   1.00
_cell.angle_alpha   90.00
_cell.angle_beta   90.00
_cell.angle_gamma   90.00
#
_symmetry.space_group_name_H-M   'P 1'
#
loop_
_entity.id
_entity.type
_entity.pdbx_description
1 polymer 'Auxin efflux carrier component 8'
2 non-polymer 1,2-DILINOLEOYL-SN-GLYCERO-3-PHOSPHOCHOLINE
3 water water
#
_entity_poly.entity_id   1
_entity_poly.type   'polypeptide(L)'
_entity_poly.pdbx_seq_one_letter_code
;MGISWLDIYHVVSATVPLYVSMTLGFLSARHLKLFSPEQCAGINKFVAKFSIPLLSFQIISENNPFKMSPKLILSDILQK
FLVVVVLAMVLRFWHPTGGRGGKLGWVITGLSISVLPNTLILGMPILSAIYGDEAASILEQIVVLQSLIWYTILLFLFEL
NAARALPSSGASLEHTGNDQEEANIEDEPKEEEDEEEVAIVRTRSVGTMKILLKAWRKLIINPNTYATLIGIIWATLHFR
LGWNLPEMIDKSIHLLSDGGLGMAMFSLGLFMASQSSIIACGTKMAIITMLLKFVLGPALMIASAYCIRLKSTLFKVAIL
QAALPQGVVPFVFAKEYNLHPEIISTGVIFGMLIALPTTLAYYFLLDLPGENLYFQ
;
_entity_poly.pdbx_strand_id   A,B
#
loop_
_chem_comp.id
_chem_comp.type
_chem_comp.name
_chem_comp.formula
DLP non-polymer 1,2-DILINOLEOYL-SN-GLYCERO-3-PHOSPHOCHOLINE 'C44 H80 N O8 P'
#
# COMPACT_ATOMS: atom_id res chain seq x y z
N MET A 1 -28.98 -12.63 19.84
CA MET A 1 -29.70 -12.80 18.54
C MET A 1 -29.27 -11.73 17.55
N GLY A 2 -29.99 -10.61 17.53
CA GLY A 2 -29.63 -9.52 16.63
C GLY A 2 -28.30 -8.90 16.98
N ILE A 3 -28.06 -8.65 18.26
CA ILE A 3 -26.82 -8.05 18.73
C ILE A 3 -26.33 -8.81 19.95
N SER A 4 -25.03 -9.05 20.01
CA SER A 4 -24.39 -9.71 21.13
C SER A 4 -23.05 -9.03 21.40
N TRP A 5 -22.31 -9.57 22.37
CA TRP A 5 -21.01 -9.01 22.71
C TRP A 5 -19.89 -9.55 21.82
N LEU A 6 -20.20 -10.44 20.89
CA LEU A 6 -19.21 -10.93 19.94
C LEU A 6 -19.22 -10.12 18.63
N ASP A 7 -20.38 -9.62 18.23
CA ASP A 7 -20.44 -8.75 17.05
C ASP A 7 -19.94 -7.35 17.38
N ILE A 8 -20.11 -6.88 18.61
CA ILE A 8 -19.50 -5.63 19.02
C ILE A 8 -17.98 -5.73 18.89
N TYR A 9 -17.42 -6.88 19.27
CA TYR A 9 -15.98 -7.09 19.09
C TYR A 9 -15.62 -7.08 17.61
N HIS A 10 -16.49 -7.60 16.76
CA HIS A 10 -16.23 -7.56 15.32
C HIS A 10 -16.20 -6.12 14.81
N VAL A 11 -17.14 -5.30 15.26
CA VAL A 11 -17.15 -3.89 14.88
C VAL A 11 -15.88 -3.20 15.36
N VAL A 12 -15.48 -3.47 16.61
CA VAL A 12 -14.27 -2.85 17.16
C VAL A 12 -13.05 -3.30 16.37
N SER A 13 -13.01 -4.57 15.98
CA SER A 13 -11.87 -5.09 15.21
C SER A 13 -11.82 -4.49 13.81
N ALA A 14 -12.99 -4.22 13.22
CA ALA A 14 -13.00 -3.54 11.93
C ALA A 14 -12.54 -2.10 12.06
N THR A 15 -12.91 -1.43 13.15
CA THR A 15 -12.59 -0.02 13.31
C THR A 15 -11.14 0.21 13.71
N VAL A 16 -10.57 -0.69 14.53
CA VAL A 16 -9.26 -0.40 15.15
C VAL A 16 -8.15 -0.27 14.12
N PRO A 17 -8.02 -1.14 13.11
CA PRO A 17 -6.91 -0.98 12.17
C PRO A 17 -6.87 0.39 11.51
N LEU A 18 -8.03 0.95 11.17
CA LEU A 18 -8.07 2.28 10.58
C LEU A 18 -7.53 3.31 11.54
N TYR A 19 -7.94 3.26 12.81
CA TYR A 19 -7.44 4.22 13.78
C TYR A 19 -5.96 4.03 14.03
N VAL A 20 -5.46 2.80 13.91
CA VAL A 20 -4.03 2.55 14.10
C VAL A 20 -3.23 3.21 12.99
N SER A 21 -3.69 3.07 11.75
CA SER A 21 -3.02 3.77 10.65
C SER A 21 -3.12 5.29 10.81
N MET A 22 -4.29 5.77 11.24
CA MET A 22 -4.47 7.19 11.51
C MET A 22 -3.45 7.70 12.52
N THR A 23 -3.31 6.98 13.64
CA THR A 23 -2.41 7.43 14.69
C THR A 23 -0.96 7.33 14.24
N LEU A 24 -0.62 6.29 13.48
CA LEU A 24 0.73 6.18 12.97
C LEU A 24 1.07 7.37 12.09
N GLY A 25 0.17 7.73 11.17
CA GLY A 25 0.42 8.89 10.33
C GLY A 25 0.50 10.17 11.12
N PHE A 26 -0.38 10.34 12.11
CA PHE A 26 -0.38 11.56 12.90
C PHE A 26 0.93 11.70 13.68
N LEU A 27 1.38 10.61 14.31
CA LEU A 27 2.65 10.65 15.03
C LEU A 27 3.81 10.91 14.08
N SER A 28 3.78 10.31 12.89
CA SER A 28 4.86 10.51 11.93
C SER A 28 4.96 11.97 11.52
N ALA A 29 3.81 12.61 11.27
CA ALA A 29 3.85 13.99 10.80
C ALA A 29 4.16 14.97 11.94
N ARG A 30 3.64 14.72 13.14
CA ARG A 30 3.74 15.67 14.24
C ARG A 30 4.94 15.40 15.14
N HIS A 31 5.03 14.20 15.71
CA HIS A 31 6.06 13.90 16.70
C HIS A 31 7.36 13.42 16.04
N LEU A 32 7.30 12.35 15.26
CA LEU A 32 8.49 11.89 14.56
C LEU A 32 8.93 12.88 13.50
N LYS A 33 8.00 13.67 12.96
CA LYS A 33 8.30 14.68 11.95
C LYS A 33 9.01 14.04 10.76
N LEU A 34 8.57 12.84 10.39
CA LEU A 34 9.17 12.16 9.25
C LEU A 34 8.83 12.85 7.94
N PHE A 35 7.61 13.39 7.84
CA PHE A 35 7.10 13.92 6.58
C PHE A 35 6.85 15.41 6.71
N SER A 36 7.31 16.16 5.72
CA SER A 36 7.01 17.58 5.61
C SER A 36 5.70 17.77 4.87
N PRO A 37 5.12 18.97 4.92
CA PRO A 37 3.82 19.18 4.26
C PRO A 37 3.82 18.79 2.79
N GLU A 38 4.90 19.06 2.07
CA GLU A 38 4.98 18.65 0.66
C GLU A 38 4.94 17.13 0.54
N GLN A 39 5.66 16.43 1.41
CA GLN A 39 5.66 14.97 1.34
C GLN A 39 4.30 14.40 1.73
N CYS A 40 3.63 15.01 2.70
CA CYS A 40 2.27 14.58 3.03
C CYS A 40 1.33 14.79 1.86
N ALA A 41 1.46 15.92 1.17
CA ALA A 41 0.65 16.17 -0.02
C ALA A 41 0.95 15.14 -1.10
N GLY A 42 2.22 14.77 -1.25
CA GLY A 42 2.57 13.74 -2.23
C GLY A 42 1.96 12.39 -1.89
N ILE A 43 1.99 12.01 -0.61
CA ILE A 43 1.37 10.75 -0.21
C ILE A 43 -0.13 10.79 -0.49
N ASN A 44 -0.78 11.89 -0.15
CA ASN A 44 -2.22 12.01 -0.42
C ASN A 44 -2.50 11.95 -1.92
N LYS A 45 -1.64 12.58 -2.73
CA LYS A 45 -1.82 12.55 -4.18
C LYS A 45 -1.68 11.13 -4.71
N PHE A 46 -0.71 10.38 -4.20
CA PHE A 46 -0.58 8.99 -4.60
C PHE A 46 -1.82 8.20 -4.23
N VAL A 47 -2.35 8.43 -3.03
CA VAL A 47 -3.57 7.73 -2.61
C VAL A 47 -4.73 8.07 -3.55
N ALA A 48 -4.84 9.35 -3.92
CA ALA A 48 -5.97 9.79 -4.73
C ALA A 48 -5.84 9.33 -6.18
N LYS A 49 -4.63 9.19 -6.69
CA LYS A 49 -4.40 8.91 -8.09
C LYS A 49 -4.19 7.43 -8.41
N PHE A 50 -3.78 6.63 -7.44
CA PHE A 50 -3.48 5.22 -7.71
C PHE A 50 -4.21 4.27 -6.78
N SER A 51 -4.38 4.62 -5.51
CA SER A 51 -5.03 3.70 -4.57
C SER A 51 -6.54 3.70 -4.76
N ILE A 52 -7.17 4.87 -4.65
CA ILE A 52 -8.62 4.94 -4.76
C ILE A 52 -9.10 4.52 -6.14
N PRO A 53 -8.50 4.97 -7.26
CA PRO A 53 -8.97 4.49 -8.57
C PRO A 53 -8.88 2.99 -8.74
N LEU A 54 -7.82 2.37 -8.25
CA LEU A 54 -7.68 0.92 -8.41
C LEU A 54 -8.62 0.16 -7.49
N LEU A 55 -8.85 0.69 -6.29
CA LEU A 55 -9.89 0.12 -5.44
C LEU A 55 -11.25 0.20 -6.12
N SER A 56 -11.55 1.34 -6.76
CA SER A 56 -12.81 1.49 -7.46
C SER A 56 -12.93 0.49 -8.60
N PHE A 57 -11.85 0.30 -9.36
CA PHE A 57 -11.90 -0.69 -10.43
C PHE A 57 -12.13 -2.09 -9.89
N GLN A 58 -11.43 -2.44 -8.80
CA GLN A 58 -11.63 -3.76 -8.21
C GLN A 58 -13.06 -3.96 -7.75
N ILE A 59 -13.65 -2.92 -7.12
CA ILE A 59 -15.01 -3.03 -6.61
C ILE A 59 -16.00 -3.16 -7.76
N ILE A 60 -15.86 -2.32 -8.79
CA ILE A 60 -16.85 -2.31 -9.86
C ILE A 60 -16.73 -3.58 -10.71
N SER A 61 -15.51 -4.02 -11.00
CA SER A 61 -15.31 -5.16 -11.89
C SER A 61 -15.88 -6.43 -11.29
N GLU A 62 -15.77 -6.60 -9.97
CA GLU A 62 -16.20 -7.82 -9.30
C GLU A 62 -17.68 -7.77 -8.90
N ASN A 63 -18.48 -6.93 -9.55
CA ASN A 63 -19.90 -6.81 -9.26
C ASN A 63 -20.69 -7.03 -10.53
N ASN A 64 -21.63 -7.96 -10.50
CA ASN A 64 -22.46 -8.25 -11.66
C ASN A 64 -23.43 -7.09 -11.90
N PRO A 65 -23.25 -6.29 -12.95
CA PRO A 65 -24.16 -5.15 -13.15
C PRO A 65 -25.60 -5.56 -13.40
N PHE A 66 -25.83 -6.80 -13.84
CA PHE A 66 -27.18 -7.24 -14.18
C PHE A 66 -27.91 -7.87 -13.00
N LYS A 67 -27.24 -8.09 -11.87
CA LYS A 67 -27.87 -8.60 -10.66
C LYS A 67 -28.11 -7.51 -9.62
N MET A 68 -27.81 -6.25 -9.94
CA MET A 68 -28.04 -5.17 -9.01
C MET A 68 -29.54 -4.89 -8.88
N SER A 69 -29.95 -4.52 -7.66
CA SER A 69 -31.36 -4.25 -7.41
C SER A 69 -31.73 -2.90 -8.00
N PRO A 70 -32.69 -2.84 -8.94
CA PRO A 70 -33.12 -1.52 -9.43
C PRO A 70 -33.68 -0.62 -8.35
N LYS A 71 -34.42 -1.19 -7.40
CA LYS A 71 -35.02 -0.39 -6.34
C LYS A 71 -33.95 0.21 -5.43
N LEU A 72 -32.90 -0.56 -5.14
CA LEU A 72 -31.81 -0.02 -4.33
C LEU A 72 -31.12 1.14 -5.03
N ILE A 73 -30.87 1.02 -6.33
CA ILE A 73 -30.25 2.09 -7.08
C ILE A 73 -31.14 3.33 -7.09
N LEU A 74 -32.45 3.13 -7.31
CA LEU A 74 -33.36 4.26 -7.30
C LEU A 74 -33.39 4.93 -5.93
N SER A 75 -33.39 4.14 -4.86
CA SER A 75 -33.39 4.71 -3.52
C SER A 75 -32.12 5.52 -3.25
N ASP A 76 -30.96 5.00 -3.68
CA ASP A 76 -29.73 5.75 -3.50
C ASP A 76 -29.75 7.05 -4.27
N ILE A 77 -30.20 7.01 -5.53
CA ILE A 77 -30.24 8.22 -6.34
C ILE A 77 -31.20 9.22 -5.73
N LEU A 78 -32.35 8.76 -5.24
CA LEU A 78 -33.32 9.67 -4.64
C LEU A 78 -32.79 10.26 -3.35
N GLN A 79 -32.09 9.48 -2.53
CA GLN A 79 -31.42 10.05 -1.36
C GLN A 79 -30.49 11.17 -1.77
N LYS A 80 -29.64 10.92 -2.76
CA LYS A 80 -28.66 11.94 -3.15
C LYS A 80 -29.36 13.19 -3.67
N PHE A 81 -30.43 13.02 -4.46
CA PHE A 81 -31.16 14.17 -4.96
C PHE A 81 -31.81 14.96 -3.84
N LEU A 82 -32.44 14.27 -2.89
CA LEU A 82 -33.08 14.95 -1.77
C LEU A 82 -32.05 15.69 -0.92
N VAL A 83 -30.90 15.06 -0.67
CA VAL A 83 -29.87 15.70 0.13
C VAL A 83 -29.33 16.94 -0.58
N VAL A 84 -29.13 16.84 -1.90
CA VAL A 84 -28.67 18.00 -2.66
C VAL A 84 -29.70 19.13 -2.58
N VAL A 85 -30.98 18.79 -2.71
CA VAL A 85 -32.02 19.81 -2.65
C VAL A 85 -32.01 20.48 -1.27
N VAL A 86 -31.91 19.68 -0.21
CA VAL A 86 -31.93 20.24 1.14
C VAL A 86 -30.72 21.14 1.37
N LEU A 87 -29.53 20.68 0.95
CA LEU A 87 -28.32 21.48 1.13
C LEU A 87 -28.40 22.78 0.34
N ALA A 88 -28.93 22.73 -0.88
CA ALA A 88 -29.05 23.94 -1.67
C ALA A 88 -30.04 24.91 -1.04
N MET A 89 -31.16 24.41 -0.51
CA MET A 89 -32.17 25.28 0.06
C MET A 89 -31.68 25.90 1.37
N VAL A 90 -31.07 25.10 2.25
CA VAL A 90 -30.64 25.63 3.54
C VAL A 90 -29.55 26.70 3.34
N LEU A 91 -28.61 26.44 2.44
CA LEU A 91 -27.56 27.42 2.18
C LEU A 91 -28.12 28.74 1.66
N ARG A 92 -29.32 28.72 1.07
CA ARG A 92 -29.93 29.95 0.58
C ARG A 92 -30.30 30.90 1.70
N PHE A 93 -30.47 30.40 2.92
CA PHE A 93 -30.82 31.21 4.08
C PHE A 93 -29.70 31.26 5.11
N TRP A 94 -29.24 30.11 5.58
CA TRP A 94 -28.19 30.02 6.59
C TRP A 94 -26.89 29.58 5.93
N HIS A 95 -25.82 30.33 6.16
CA HIS A 95 -24.53 30.04 5.58
C HIS A 95 -23.55 29.62 6.66
N PRO A 96 -22.82 28.51 6.49
CA PRO A 96 -21.83 28.14 7.52
C PRO A 96 -20.75 29.20 7.65
N THR A 97 -20.23 29.32 8.86
CA THR A 97 -19.16 30.29 9.16
C THR A 97 -19.61 31.71 8.82
N GLY A 98 -20.64 32.15 9.53
CA GLY A 98 -21.14 33.52 9.33
C GLY A 98 -21.93 33.61 8.05
N GLY A 99 -21.54 34.54 7.19
CA GLY A 99 -22.20 34.72 5.91
C GLY A 99 -21.24 35.08 4.80
N ARG A 100 -21.24 34.29 3.73
CA ARG A 100 -20.34 34.50 2.60
C ARG A 100 -20.93 33.77 1.39
N GLY A 101 -20.15 33.67 0.32
CA GLY A 101 -20.55 32.93 -0.86
C GLY A 101 -20.02 31.51 -0.85
N GLY A 102 -19.60 31.01 -2.01
CA GLY A 102 -19.03 29.69 -2.09
C GLY A 102 -20.02 28.60 -1.70
N LYS A 103 -21.24 28.68 -2.20
CA LYS A 103 -22.27 27.71 -1.84
C LYS A 103 -22.06 26.36 -2.54
N LEU A 104 -21.30 26.33 -3.63
CA LEU A 104 -21.06 25.05 -4.31
C LEU A 104 -20.07 24.20 -3.53
N GLY A 105 -19.04 24.81 -2.96
CA GLY A 105 -18.11 24.07 -2.13
C GLY A 105 -18.76 23.53 -0.87
N TRP A 106 -19.66 24.31 -0.28
CA TRP A 106 -20.39 23.85 0.90
C TRP A 106 -21.31 22.68 0.55
N VAL A 107 -21.92 22.72 -0.63
CA VAL A 107 -22.72 21.58 -1.08
C VAL A 107 -21.84 20.35 -1.28
N ILE A 108 -20.64 20.54 -1.82
CA ILE A 108 -19.72 19.42 -1.99
C ILE A 108 -19.37 18.82 -0.65
N THR A 109 -19.07 19.67 0.35
CA THR A 109 -18.77 19.17 1.68
C THR A 109 -19.96 18.45 2.30
N GLY A 110 -21.16 19.02 2.14
CA GLY A 110 -22.35 18.39 2.68
C GLY A 110 -22.64 17.04 2.05
N LEU A 111 -22.36 16.91 0.75
CA LEU A 111 -22.53 15.62 0.09
C LEU A 111 -21.46 14.63 0.52
N SER A 112 -20.23 15.10 0.70
CA SER A 112 -19.17 14.22 1.20
C SER A 112 -19.52 13.69 2.58
N ILE A 113 -20.14 14.52 3.41
CA ILE A 113 -20.50 14.09 4.75
C ILE A 113 -21.73 13.19 4.72
N SER A 114 -22.86 13.73 4.25
CA SER A 114 -24.15 13.08 4.45
C SER A 114 -24.26 11.76 3.70
N VAL A 115 -23.84 11.74 2.44
CA VAL A 115 -24.29 10.71 1.51
C VAL A 115 -23.14 9.88 0.95
N LEU A 116 -22.08 9.70 1.73
CA LEU A 116 -21.00 8.84 1.27
C LEU A 116 -20.38 8.10 2.44
N PRO A 117 -21.15 7.27 3.14
CA PRO A 117 -20.63 6.60 4.33
C PRO A 117 -19.70 5.46 4.01
N ASN A 118 -18.90 5.08 5.01
CA ASN A 118 -18.05 3.90 4.91
C ASN A 118 -18.93 2.66 5.06
N THR A 119 -19.08 1.92 3.97
CA THR A 119 -20.08 0.86 3.89
C THR A 119 -19.51 -0.53 4.05
N LEU A 120 -18.26 -0.77 3.66
CA LEU A 120 -17.70 -2.12 3.67
C LEU A 120 -16.97 -2.42 4.98
N ILE A 121 -15.93 -1.65 5.30
CA ILE A 121 -15.05 -2.02 6.41
C ILE A 121 -15.85 -2.03 7.71
N LEU A 122 -16.66 -0.99 7.93
CA LEU A 122 -17.41 -0.86 9.17
C LEU A 122 -18.88 -1.22 9.03
N GLY A 123 -19.40 -1.32 7.81
CA GLY A 123 -20.80 -1.60 7.60
C GLY A 123 -21.13 -3.08 7.51
N MET A 124 -20.12 -3.91 7.24
CA MET A 124 -20.33 -5.35 7.13
C MET A 124 -20.48 -5.99 8.51
N PRO A 125 -19.52 -5.78 9.42
CA PRO A 125 -19.55 -6.55 10.68
C PRO A 125 -20.84 -6.39 11.47
N ILE A 126 -21.47 -5.22 11.42
CA ILE A 126 -22.67 -4.97 12.20
C ILE A 126 -23.92 -5.36 11.43
N LEU A 127 -24.07 -4.90 10.19
CA LEU A 127 -25.29 -5.14 9.44
C LEU A 127 -25.42 -6.61 9.05
N SER A 128 -24.33 -7.23 8.61
CA SER A 128 -24.37 -8.65 8.26
C SER A 128 -24.72 -9.49 9.48
N ALA A 129 -24.12 -9.17 10.63
CA ALA A 129 -24.40 -9.91 11.84
C ALA A 129 -25.86 -9.75 12.27
N ILE A 130 -26.37 -8.52 12.24
CA ILE A 130 -27.74 -8.29 12.69
C ILE A 130 -28.74 -8.95 11.77
N TYR A 131 -28.53 -8.85 10.45
CA TYR A 131 -29.50 -9.31 9.47
C TYR A 131 -29.10 -10.61 8.80
N GLY A 132 -27.91 -10.68 8.21
CA GLY A 132 -27.44 -11.91 7.59
C GLY A 132 -26.72 -11.71 6.28
N ASP A 133 -27.14 -12.44 5.25
CA ASP A 133 -26.48 -12.42 3.95
C ASP A 133 -27.08 -11.39 3.00
N GLU A 134 -28.36 -11.05 3.17
CA GLU A 134 -28.94 -10.00 2.34
C GLU A 134 -28.23 -8.67 2.56
N ALA A 135 -27.87 -8.38 3.81
CA ALA A 135 -27.16 -7.15 4.11
C ALA A 135 -25.83 -7.10 3.37
N ALA A 136 -25.13 -8.23 3.27
CA ALA A 136 -23.86 -8.25 2.56
C ALA A 136 -24.03 -7.82 1.11
N SER A 137 -24.98 -8.43 0.40
CA SER A 137 -25.20 -8.07 -1.00
C SER A 137 -25.64 -6.63 -1.14
N ILE A 138 -26.53 -6.17 -0.25
CA ILE A 138 -27.02 -4.79 -0.35
C ILE A 138 -25.86 -3.81 -0.17
N LEU A 139 -25.00 -4.06 0.81
CA LEU A 139 -23.88 -3.16 1.06
C LEU A 139 -22.87 -3.20 -0.08
N GLU A 140 -22.65 -4.39 -0.66
CA GLU A 140 -21.77 -4.47 -1.82
C GLU A 140 -22.32 -3.67 -2.99
N GLN A 141 -23.63 -3.77 -3.23
CA GLN A 141 -24.24 -2.97 -4.29
C GLN A 141 -24.11 -1.48 -4.01
N ILE A 142 -24.29 -1.09 -2.74
CA ILE A 142 -24.17 0.32 -2.39
C ILE A 142 -22.75 0.82 -2.61
N VAL A 143 -21.75 0.02 -2.25
CA VAL A 143 -20.36 0.42 -2.45
C VAL A 143 -20.04 0.51 -3.93
N VAL A 144 -20.56 -0.43 -4.72
CA VAL A 144 -20.38 -0.36 -6.17
C VAL A 144 -20.99 0.92 -6.71
N LEU A 145 -22.20 1.25 -6.26
CA LEU A 145 -22.84 2.49 -6.71
C LEU A 145 -22.00 3.70 -6.35
N GLN A 146 -21.47 3.72 -5.12
CA GLN A 146 -20.58 4.80 -4.72
C GLN A 146 -19.42 4.93 -5.71
N SER A 147 -18.58 3.89 -5.78
CA SER A 147 -17.39 3.95 -6.61
C SER A 147 -17.71 4.24 -8.07
N LEU A 148 -18.89 3.85 -8.54
CA LEU A 148 -19.23 3.96 -9.95
C LEU A 148 -19.77 5.33 -10.32
N ILE A 149 -20.72 5.85 -9.54
CA ILE A 149 -21.43 7.08 -9.87
C ILE A 149 -21.01 8.22 -8.96
N TRP A 150 -21.01 7.99 -7.64
CA TRP A 150 -20.99 9.10 -6.71
C TRP A 150 -19.59 9.70 -6.57
N TYR A 151 -18.56 8.86 -6.58
CA TYR A 151 -17.20 9.40 -6.58
C TYR A 151 -16.93 10.19 -7.85
N THR A 152 -17.39 9.70 -9.00
CA THR A 152 -17.18 10.42 -10.25
C THR A 152 -17.90 11.76 -10.24
N ILE A 153 -19.15 11.79 -9.74
CA ILE A 153 -19.88 13.06 -9.71
C ILE A 153 -19.25 14.00 -8.69
N LEU A 154 -18.76 13.46 -7.57
CA LEU A 154 -18.08 14.29 -6.59
C LEU A 154 -16.81 14.91 -7.15
N LEU A 155 -16.05 14.12 -7.92
CA LEU A 155 -14.85 14.66 -8.56
C LEU A 155 -15.21 15.70 -9.61
N PHE A 156 -16.28 15.49 -10.36
CA PHE A 156 -16.71 16.49 -11.32
C PHE A 156 -17.10 17.78 -10.61
N LEU A 157 -17.79 17.68 -9.48
CA LEU A 157 -18.16 18.86 -8.72
C LEU A 157 -16.92 19.56 -8.15
N PHE A 158 -15.94 18.78 -7.69
CA PHE A 158 -14.68 19.38 -7.23
C PHE A 158 -14.01 20.16 -8.34
N GLU A 159 -13.94 19.57 -9.54
CA GLU A 159 -13.31 20.25 -10.67
C GLU A 159 -14.11 21.48 -11.09
N LEU A 160 -15.44 21.40 -11.03
CA LEU A 160 -16.27 22.56 -11.36
C LEU A 160 -16.06 23.68 -10.36
N ASN A 161 -15.95 23.36 -9.07
CA ASN A 161 -15.67 24.37 -8.07
C ASN A 161 -14.30 24.99 -8.29
N ALA A 162 -13.29 24.16 -8.59
CA ALA A 162 -11.96 24.68 -8.84
C ALA A 162 -11.93 25.60 -10.06
N ALA A 163 -12.69 25.23 -11.11
CA ALA A 163 -12.71 26.05 -12.32
C ALA A 163 -13.40 27.39 -12.09
N ARG A 164 -14.36 27.45 -11.17
CA ARG A 164 -15.06 28.70 -10.91
C ARG A 164 -14.15 29.76 -10.32
N ALA A 165 -13.02 29.37 -9.74
CA ALA A 165 -12.09 30.33 -9.15
C ALA A 165 -10.67 29.77 -9.15
N GLY A 207 -20.50 32.40 -20.59
CA GLY A 207 -19.40 32.39 -19.65
C GLY A 207 -19.41 31.17 -18.75
N THR A 208 -20.61 30.70 -18.41
CA THR A 208 -20.73 29.53 -17.56
C THR A 208 -20.38 28.25 -18.30
N MET A 209 -20.71 28.17 -19.59
CA MET A 209 -20.43 26.95 -20.35
C MET A 209 -18.94 26.68 -20.44
N LYS A 210 -18.12 27.74 -20.50
CA LYS A 210 -16.67 27.55 -20.51
C LYS A 210 -16.19 26.89 -19.23
N ILE A 211 -16.76 27.28 -18.09
CA ILE A 211 -16.38 26.67 -16.82
C ILE A 211 -16.74 25.20 -16.80
N LEU A 212 -17.94 24.85 -17.28
CA LEU A 212 -18.33 23.45 -17.34
C LEU A 212 -17.43 22.66 -18.27
N LEU A 213 -17.05 23.26 -19.41
CA LEU A 213 -16.15 22.59 -20.33
C LEU A 213 -14.78 22.35 -19.68
N LYS A 214 -14.29 23.34 -18.94
CA LYS A 214 -13.02 23.16 -18.24
C LYS A 214 -13.11 22.06 -17.20
N ALA A 215 -14.21 22.02 -16.46
CA ALA A 215 -14.38 20.96 -15.46
C ALA A 215 -14.44 19.60 -16.13
N TRP A 216 -15.15 19.48 -17.25
CA TRP A 216 -15.21 18.22 -17.96
C TRP A 216 -13.84 17.80 -18.47
N ARG A 217 -13.08 18.75 -19.03
CA ARG A 217 -11.74 18.43 -19.54
C ARG A 217 -10.84 17.97 -18.41
N LYS A 218 -10.94 18.60 -17.24
CA LYS A 218 -10.16 18.14 -16.10
C LYS A 218 -10.64 16.79 -15.60
N LEU A 219 -11.92 16.46 -15.83
CA LEU A 219 -12.43 15.18 -15.36
C LEU A 219 -11.93 14.02 -16.23
N ILE A 220 -11.92 14.19 -17.55
CA ILE A 220 -11.65 13.09 -18.46
C ILE A 220 -10.16 12.72 -18.45
N ILE A 221 -9.37 13.44 -17.65
CA ILE A 221 -7.99 13.05 -17.39
C ILE A 221 -7.82 12.45 -16.01
N ASN A 222 -8.88 12.39 -15.22
CA ASN A 222 -8.80 11.83 -13.88
C ASN A 222 -8.63 10.31 -13.95
N PRO A 223 -7.77 9.73 -13.12
CA PRO A 223 -7.73 8.25 -13.05
C PRO A 223 -9.04 7.64 -12.59
N ASN A 224 -9.86 8.39 -11.85
CA ASN A 224 -11.07 7.82 -11.28
C ASN A 224 -12.14 7.58 -12.34
N THR A 225 -12.35 8.54 -13.24
CA THR A 225 -13.35 8.35 -14.28
C THR A 225 -12.99 7.16 -15.17
N TYR A 226 -11.72 7.03 -15.53
CA TYR A 226 -11.29 5.89 -16.34
C TYR A 226 -11.40 4.60 -15.54
N ALA A 227 -11.08 4.64 -14.24
CA ALA A 227 -11.25 3.46 -13.42
C ALA A 227 -12.70 2.98 -13.44
N THR A 228 -13.65 3.89 -13.22
CA THR A 228 -15.05 3.50 -13.22
C THR A 228 -15.49 3.01 -14.60
N LEU A 229 -15.09 3.70 -15.66
CA LEU A 229 -15.54 3.32 -17.00
C LEU A 229 -14.98 1.95 -17.40
N ILE A 230 -13.67 1.75 -17.21
CA ILE A 230 -13.07 0.47 -17.54
C ILE A 230 -13.63 -0.62 -16.63
N GLY A 231 -13.90 -0.31 -15.36
CA GLY A 231 -14.46 -1.30 -14.47
C GLY A 231 -15.84 -1.75 -14.89
N ILE A 232 -16.70 -0.82 -15.29
CA ILE A 232 -18.04 -1.21 -15.71
C ILE A 232 -17.99 -1.96 -17.04
N ILE A 233 -17.14 -1.52 -17.97
CA ILE A 233 -17.01 -2.24 -19.24
C ILE A 233 -16.52 -3.66 -18.98
N TRP A 234 -15.50 -3.79 -18.13
CA TRP A 234 -15.01 -5.12 -17.78
C TRP A 234 -16.13 -5.94 -17.15
N ALA A 235 -16.65 -5.52 -15.99
CA ALA A 235 -17.75 -6.21 -15.35
C ALA A 235 -18.76 -6.71 -16.36
N THR A 236 -19.14 -5.87 -17.32
CA THR A 236 -20.08 -6.29 -18.35
C THR A 236 -19.53 -7.46 -19.15
N LEU A 237 -18.30 -7.34 -19.65
CA LEU A 237 -17.72 -8.41 -20.45
C LEU A 237 -17.58 -9.69 -19.65
N HIS A 238 -17.10 -9.58 -18.41
CA HIS A 238 -16.84 -10.74 -17.56
C HIS A 238 -18.12 -11.47 -17.19
N PHE A 239 -19.18 -10.74 -16.85
CA PHE A 239 -20.41 -11.35 -16.39
C PHE A 239 -21.41 -11.60 -17.51
N ARG A 240 -21.12 -11.17 -18.73
CA ARG A 240 -21.96 -11.46 -19.88
C ARG A 240 -21.28 -12.30 -20.94
N LEU A 241 -19.95 -12.26 -21.02
CA LEU A 241 -19.20 -13.07 -21.97
C LEU A 241 -18.24 -14.05 -21.32
N GLY A 242 -18.06 -14.00 -19.99
CA GLY A 242 -17.24 -14.95 -19.29
C GLY A 242 -15.75 -14.67 -19.33
N TRP A 243 -15.32 -13.58 -19.94
CA TRP A 243 -13.90 -13.26 -19.99
C TRP A 243 -13.33 -13.14 -18.58
N ASN A 244 -12.14 -13.69 -18.39
CA ASN A 244 -11.42 -13.61 -17.13
C ASN A 244 -10.22 -12.68 -17.29
N LEU A 245 -10.02 -11.82 -16.30
CA LEU A 245 -8.92 -10.88 -16.36
C LEU A 245 -7.60 -11.63 -16.23
N PRO A 246 -6.63 -11.40 -17.12
CA PRO A 246 -5.38 -12.16 -17.04
C PRO A 246 -4.73 -12.01 -15.67
N GLU A 247 -4.16 -13.11 -15.18
CA GLU A 247 -3.58 -13.12 -13.84
C GLU A 247 -2.54 -12.02 -13.67
N MET A 248 -1.79 -11.72 -14.74
CA MET A 248 -0.79 -10.66 -14.65
C MET A 248 -1.43 -9.33 -14.30
N ILE A 249 -2.57 -9.01 -14.93
CA ILE A 249 -3.22 -7.73 -14.67
C ILE A 249 -3.80 -7.69 -13.27
N ASP A 250 -4.37 -8.82 -12.81
CA ASP A 250 -4.88 -8.87 -11.43
C ASP A 250 -3.76 -8.62 -10.43
N LYS A 251 -2.62 -9.30 -10.61
CA LYS A 251 -1.50 -9.07 -9.71
C LYS A 251 -0.98 -7.64 -9.80
N SER A 252 -0.92 -7.08 -11.00
CA SER A 252 -0.43 -5.72 -11.16
C SER A 252 -1.32 -4.73 -10.41
N ILE A 253 -2.64 -4.91 -10.53
CA ILE A 253 -3.56 -4.01 -9.85
C ILE A 253 -3.48 -4.19 -8.33
N HIS A 254 -3.42 -5.44 -7.87
CA HIS A 254 -3.38 -5.68 -6.44
C HIS A 254 -2.06 -5.23 -5.81
N LEU A 255 -0.99 -5.18 -6.60
CA LEU A 255 0.29 -4.76 -6.06
C LEU A 255 0.25 -3.32 -5.60
N LEU A 256 -0.41 -2.45 -6.36
CA LEU A 256 -0.48 -1.02 -6.04
C LEU A 256 -1.74 -0.64 -5.30
N SER A 257 -2.79 -1.46 -5.34
CA SER A 257 -4.06 -1.10 -4.74
C SER A 257 -4.28 -1.77 -3.38
N ASP A 258 -3.47 -2.77 -3.03
CA ASP A 258 -3.75 -3.52 -1.80
C ASP A 258 -3.64 -2.63 -0.57
N GLY A 259 -2.66 -1.73 -0.54
CA GLY A 259 -2.50 -0.84 0.60
C GLY A 259 -3.17 0.50 0.40
N GLY A 260 -4.40 0.49 -0.12
CA GLY A 260 -5.10 1.73 -0.41
C GLY A 260 -5.77 2.34 0.80
N LEU A 261 -6.59 1.57 1.50
CA LEU A 261 -7.28 2.10 2.68
C LEU A 261 -6.31 2.48 3.77
N GLY A 262 -5.29 1.64 4.00
CA GLY A 262 -4.30 1.97 5.01
C GLY A 262 -3.60 3.29 4.72
N MET A 263 -3.25 3.52 3.46
CA MET A 263 -2.61 4.78 3.10
C MET A 263 -3.58 5.95 3.19
N ALA A 264 -4.87 5.73 2.89
CA ALA A 264 -5.84 6.80 3.05
C ALA A 264 -5.95 7.23 4.50
N MET A 265 -6.01 6.26 5.42
CA MET A 265 -6.05 6.59 6.83
C MET A 265 -4.74 7.22 7.29
N PHE A 266 -3.62 6.75 6.74
CA PHE A 266 -2.33 7.38 7.05
C PHE A 266 -2.31 8.84 6.62
N SER A 267 -2.85 9.14 5.44
CA SER A 267 -2.92 10.52 4.97
C SER A 267 -3.85 11.35 5.83
N LEU A 268 -4.95 10.76 6.29
CA LEU A 268 -5.82 11.48 7.22
C LEU A 268 -5.08 11.83 8.50
N GLY A 269 -4.30 10.90 9.04
CA GLY A 269 -3.49 11.21 10.20
C GLY A 269 -2.46 12.29 9.91
N LEU A 270 -1.82 12.22 8.74
CA LEU A 270 -0.83 13.23 8.37
C LEU A 270 -1.46 14.61 8.32
N PHE A 271 -2.66 14.72 7.74
CA PHE A 271 -3.35 16.00 7.73
C PHE A 271 -3.71 16.45 9.15
N MET A 272 -4.21 15.53 9.97
CA MET A 272 -4.57 15.88 11.34
C MET A 272 -3.36 16.42 12.10
N ALA A 273 -2.17 15.92 11.78
CA ALA A 273 -0.97 16.37 12.47
C ALA A 273 -0.72 17.86 12.27
N SER A 274 -1.23 18.45 11.19
CA SER A 274 -1.00 19.85 10.88
C SER A 274 -2.08 20.78 11.42
N GLN A 275 -3.06 20.25 12.15
CA GLN A 275 -4.18 21.03 12.66
C GLN A 275 -3.93 21.41 14.12
N SER A 276 -4.53 22.53 14.53
CA SER A 276 -4.32 23.03 15.89
C SER A 276 -4.88 22.07 16.93
N SER A 277 -6.06 21.50 16.66
CA SER A 277 -6.73 20.63 17.63
C SER A 277 -7.32 19.44 16.90
N ILE A 278 -7.69 18.42 17.67
CA ILE A 278 -8.29 17.22 17.08
C ILE A 278 -9.61 17.56 16.39
N ILE A 279 -10.37 18.49 16.97
CA ILE A 279 -11.59 19.01 16.31
C ILE A 279 -11.12 20.17 15.44
N ALA A 280 -10.65 19.82 14.24
CA ALA A 280 -10.05 20.83 13.37
C ALA A 280 -11.05 21.87 12.91
N CYS A 281 -12.32 21.50 12.80
CA CYS A 281 -13.35 22.38 12.28
C CYS A 281 -14.10 23.16 13.36
N GLY A 282 -13.74 22.97 14.63
CA GLY A 282 -14.43 23.63 15.72
C GLY A 282 -15.57 22.79 16.27
N THR A 283 -16.10 23.23 17.40
CA THR A 283 -17.18 22.50 18.06
C THR A 283 -18.49 22.63 17.29
N LYS A 284 -18.83 23.84 16.85
CA LYS A 284 -20.10 24.03 16.13
C LYS A 284 -20.10 23.28 14.82
N MET A 285 -19.02 23.39 14.05
CA MET A 285 -18.96 22.68 12.78
C MET A 285 -18.89 21.18 12.97
N ALA A 286 -18.25 20.71 14.04
CA ALA A 286 -18.25 19.28 14.32
C ALA A 286 -19.66 18.80 14.64
N ILE A 287 -20.41 19.57 15.42
CA ILE A 287 -21.79 19.20 15.73
C ILE A 287 -22.62 19.18 14.46
N ILE A 288 -22.44 20.17 13.59
CA ILE A 288 -23.19 20.22 12.34
C ILE A 288 -22.84 19.03 11.46
N THR A 289 -21.56 18.66 11.42
CA THR A 289 -21.14 17.49 10.64
C THR A 289 -21.80 16.23 11.17
N MET A 290 -21.81 16.05 12.49
CA MET A 290 -22.44 14.87 13.07
C MET A 290 -23.94 14.85 12.77
N LEU A 291 -24.60 16.00 12.86
CA LEU A 291 -26.03 16.05 12.56
C LEU A 291 -26.30 15.70 11.11
N LEU A 292 -25.49 16.23 10.19
CA LEU A 292 -25.67 15.91 8.78
C LEU A 292 -25.44 14.43 8.52
N LYS A 293 -24.42 13.84 9.14
CA LYS A 293 -24.07 12.47 8.81
C LYS A 293 -25.06 11.48 9.43
N PHE A 294 -25.48 11.72 10.67
CA PHE A 294 -26.23 10.72 11.43
C PHE A 294 -27.70 11.08 11.63
N VAL A 295 -28.16 12.21 11.09
CA VAL A 295 -29.57 12.56 11.16
C VAL A 295 -30.09 12.84 9.76
N LEU A 296 -29.47 13.80 9.07
CA LEU A 296 -29.95 14.16 7.74
C LEU A 296 -29.77 13.00 6.76
N GLY A 297 -28.60 12.36 6.78
CA GLY A 297 -28.34 11.26 5.89
C GLY A 297 -29.37 10.15 6.03
N PRO A 298 -29.41 9.53 7.21
CA PRO A 298 -30.41 8.46 7.43
C PRO A 298 -31.85 8.92 7.28
N ALA A 299 -32.18 10.15 7.68
CA ALA A 299 -33.55 10.61 7.55
C ALA A 299 -33.97 10.70 6.09
N LEU A 300 -33.11 11.29 5.26
CA LEU A 300 -33.45 11.38 3.84
C LEU A 300 -33.36 10.03 3.16
N MET A 301 -32.53 9.11 3.66
CA MET A 301 -32.57 7.75 3.16
C MET A 301 -33.90 7.09 3.49
N ILE A 302 -34.43 7.32 4.68
CA ILE A 302 -35.74 6.78 5.05
C ILE A 302 -36.81 7.36 4.14
N ALA A 303 -36.76 8.67 3.89
CA ALA A 303 -37.72 9.27 2.97
C ALA A 303 -37.61 8.65 1.58
N SER A 304 -36.39 8.47 1.09
CA SER A 304 -36.18 7.87 -0.23
C SER A 304 -36.71 6.44 -0.28
N ALA A 305 -36.45 5.66 0.77
CA ALA A 305 -36.90 4.27 0.78
C ALA A 305 -38.42 4.19 0.81
N TYR A 306 -39.05 5.07 1.60
CA TYR A 306 -40.52 5.08 1.61
C TYR A 306 -41.08 5.51 0.27
N CYS A 307 -40.45 6.50 -0.38
CA CYS A 307 -40.92 6.91 -1.70
C CYS A 307 -40.79 5.78 -2.72
N ILE A 308 -39.65 5.07 -2.69
CA ILE A 308 -39.43 3.96 -3.61
C ILE A 308 -40.17 2.70 -3.20
N ARG A 309 -40.70 2.67 -1.97
CA ARG A 309 -41.50 1.53 -1.49
C ARG A 309 -40.64 0.27 -1.37
N LEU A 310 -39.51 0.40 -0.67
CA LEU A 310 -38.74 -0.78 -0.30
C LEU A 310 -39.47 -1.54 0.81
N LYS A 311 -39.07 -2.80 0.99
CA LYS A 311 -39.76 -3.67 1.95
C LYS A 311 -38.75 -4.56 2.67
N SER A 312 -39.00 -4.75 3.97
CA SER A 312 -38.34 -5.80 4.74
C SER A 312 -36.83 -5.56 4.89
N THR A 313 -36.04 -6.63 4.74
CA THR A 313 -34.60 -6.53 5.01
C THR A 313 -33.94 -5.52 4.07
N LEU A 314 -34.36 -5.49 2.81
CA LEU A 314 -33.79 -4.51 1.88
C LEU A 314 -34.00 -3.09 2.40
N PHE A 315 -35.24 -2.76 2.78
CA PHE A 315 -35.55 -1.43 3.29
C PHE A 315 -34.73 -1.12 4.54
N LYS A 316 -34.69 -2.07 5.48
CA LYS A 316 -34.02 -1.82 6.75
C LYS A 316 -32.52 -1.61 6.55
N VAL A 317 -31.88 -2.45 5.74
CA VAL A 317 -30.45 -2.31 5.51
C VAL A 317 -30.17 -1.04 4.71
N ALA A 318 -31.05 -0.68 3.77
CA ALA A 318 -30.85 0.54 3.00
C ALA A 318 -30.88 1.75 3.91
N ILE A 319 -31.81 1.79 4.87
CA ILE A 319 -31.88 2.96 5.75
C ILE A 319 -30.90 2.89 6.92
N LEU A 320 -30.31 1.72 7.17
CA LEU A 320 -29.32 1.59 8.23
C LEU A 320 -27.90 1.79 7.74
N GLN A 321 -27.65 1.59 6.44
CA GLN A 321 -26.32 1.83 5.89
C GLN A 321 -26.03 3.32 5.73
N ALA A 322 -27.06 4.15 5.61
CA ALA A 322 -26.85 5.59 5.50
C ALA A 322 -26.39 6.20 6.82
N ALA A 323 -26.53 5.49 7.92
CA ALA A 323 -26.06 5.95 9.23
C ALA A 323 -24.64 5.48 9.54
N LEU A 324 -24.00 4.78 8.61
CA LEU A 324 -22.64 4.32 8.82
C LEU A 324 -21.69 5.52 8.79
N PRO A 325 -20.45 5.35 9.31
CA PRO A 325 -19.55 6.51 9.44
C PRO A 325 -19.17 7.13 8.10
N GLN A 326 -18.37 8.19 8.15
CA GLN A 326 -18.24 9.09 6.99
C GLN A 326 -17.41 8.47 5.87
N GLY A 327 -16.33 7.79 6.19
CA GLY A 327 -15.47 7.28 5.12
C GLY A 327 -14.41 8.28 4.71
N VAL A 328 -13.31 7.74 4.17
CA VAL A 328 -12.09 8.53 4.00
C VAL A 328 -11.87 9.02 2.57
N VAL A 329 -12.46 8.37 1.57
CA VAL A 329 -12.25 8.80 0.18
C VAL A 329 -12.70 10.25 -0.02
N PRO A 330 -13.86 10.68 0.47
CA PRO A 330 -14.20 12.11 0.37
C PRO A 330 -13.15 13.00 1.01
N PHE A 331 -12.55 12.57 2.12
CA PHE A 331 -11.48 13.36 2.71
C PHE A 331 -10.28 13.43 1.77
N VAL A 332 -9.94 12.32 1.13
CA VAL A 332 -8.80 12.33 0.21
C VAL A 332 -9.05 13.33 -0.91
N PHE A 333 -10.25 13.32 -1.47
CA PHE A 333 -10.57 14.29 -2.52
C PHE A 333 -10.54 15.71 -2.00
N ALA A 334 -11.09 15.95 -0.80
CA ALA A 334 -11.10 17.29 -0.25
C ALA A 334 -9.69 17.81 0.00
N LYS A 335 -8.81 16.94 0.51
CA LYS A 335 -7.42 17.32 0.70
C LYS A 335 -6.74 17.61 -0.63
N GLU A 336 -7.02 16.80 -1.65
CA GLU A 336 -6.43 17.03 -2.96
C GLU A 336 -6.86 18.39 -3.51
N TYR A 337 -8.14 18.71 -3.40
CA TYR A 337 -8.67 19.98 -3.88
C TYR A 337 -8.70 21.05 -2.80
N ASN A 338 -8.27 20.73 -1.58
CA ASN A 338 -8.21 21.69 -0.48
C ASN A 338 -9.55 22.41 -0.31
N LEU A 339 -10.62 21.62 -0.20
CA LEU A 339 -11.97 22.13 -0.01
C LEU A 339 -12.47 21.65 1.35
N HIS A 340 -12.27 22.48 2.37
CA HIS A 340 -12.67 22.19 3.73
C HIS A 340 -12.24 20.79 4.17
N PRO A 341 -10.96 20.44 3.99
CA PRO A 341 -10.51 19.12 4.46
C PRO A 341 -10.62 18.94 5.95
N GLU A 342 -10.60 20.03 6.73
CA GLU A 342 -10.70 19.92 8.18
C GLU A 342 -12.04 19.36 8.61
N ILE A 343 -13.13 19.80 7.96
CA ILE A 343 -14.46 19.34 8.34
C ILE A 343 -14.62 17.85 8.04
N ILE A 344 -14.23 17.43 6.83
CA ILE A 344 -14.31 16.03 6.47
C ILE A 344 -13.43 15.19 7.39
N SER A 345 -12.23 15.69 7.67
CA SER A 345 -11.31 14.97 8.55
C SER A 345 -11.93 14.76 9.93
N THR A 346 -12.45 15.83 10.52
CA THR A 346 -13.04 15.72 11.86
C THR A 346 -14.23 14.78 11.86
N GLY A 347 -15.07 14.86 10.82
CA GLY A 347 -16.18 13.93 10.72
C GLY A 347 -15.70 12.49 10.68
N VAL A 348 -14.63 12.22 9.94
CA VAL A 348 -14.09 10.86 9.90
C VAL A 348 -13.53 10.48 11.26
N ILE A 349 -12.89 11.42 11.95
CA ILE A 349 -12.33 11.12 13.27
C ILE A 349 -13.43 10.64 14.20
N PHE A 350 -14.51 11.41 14.26
CA PHE A 350 -15.52 11.24 15.30
C PHE A 350 -16.75 10.47 14.85
N GLY A 351 -16.75 9.94 13.62
CA GLY A 351 -17.87 9.13 13.18
C GLY A 351 -17.63 7.66 13.40
N MET A 352 -16.37 7.23 13.33
CA MET A 352 -16.07 5.82 13.58
C MET A 352 -16.38 5.43 15.02
N LEU A 353 -16.39 6.39 15.93
CA LEU A 353 -16.77 6.13 17.32
C LEU A 353 -18.27 6.21 17.55
N ILE A 354 -18.97 7.08 16.79
CA ILE A 354 -20.40 7.29 16.97
C ILE A 354 -21.23 6.35 16.12
N ALA A 355 -20.63 5.63 15.17
CA ALA A 355 -21.41 4.79 14.27
C ALA A 355 -22.10 3.66 15.02
N LEU A 356 -21.35 2.92 15.84
CA LEU A 356 -21.93 1.75 16.50
C LEU A 356 -23.08 2.13 17.41
N PRO A 357 -22.95 3.10 18.32
CA PRO A 357 -24.14 3.53 19.08
C PRO A 357 -25.26 4.03 18.18
N THR A 358 -24.93 4.77 17.12
CA THR A 358 -25.95 5.29 16.22
C THR A 358 -26.61 4.18 15.43
N THR A 359 -25.82 3.21 14.95
CA THR A 359 -26.40 2.08 14.24
C THR A 359 -27.32 1.28 15.15
N LEU A 360 -26.90 1.06 16.40
CA LEU A 360 -27.76 0.35 17.35
C LEU A 360 -29.04 1.13 17.62
N ALA A 361 -28.94 2.45 17.77
CA ALA A 361 -30.12 3.26 18.01
C ALA A 361 -31.08 3.18 16.83
N TYR A 362 -30.57 3.25 15.60
CA TYR A 362 -31.43 3.15 14.43
C TYR A 362 -32.06 1.77 14.34
N TYR A 363 -31.30 0.72 14.65
CA TYR A 363 -31.85 -0.63 14.63
C TYR A 363 -32.99 -0.76 15.63
N PHE A 364 -32.78 -0.26 16.85
CA PHE A 364 -33.84 -0.32 17.86
C PHE A 364 -35.05 0.49 17.44
N LEU A 365 -34.83 1.66 16.86
CA LEU A 365 -35.94 2.49 16.40
C LEU A 365 -36.75 1.77 15.33
N LEU A 366 -36.06 1.09 14.41
CA LEU A 366 -36.77 0.41 13.32
C LEU A 366 -37.45 -0.86 13.79
N ASP A 367 -36.92 -1.50 14.83
CA ASP A 367 -37.55 -2.72 15.33
C ASP A 367 -38.98 -2.43 15.82
N LEU A 368 -39.17 -1.31 16.50
CA LEU A 368 -40.50 -0.91 16.94
C LEU A 368 -40.61 0.61 17.00
N MET B 1 9.48 -31.47 -17.67
CA MET B 1 9.87 -32.01 -16.33
C MET B 1 10.41 -30.89 -15.45
N GLY B 2 11.72 -30.67 -15.50
CA GLY B 2 12.31 -29.60 -14.70
C GLY B 2 11.86 -28.23 -15.15
N ILE B 3 11.84 -28.00 -16.46
CA ILE B 3 11.43 -26.71 -17.03
C ILE B 3 10.50 -26.97 -18.19
N SER B 4 9.44 -26.17 -18.28
CA SER B 4 8.47 -26.24 -19.36
C SER B 4 8.08 -24.82 -19.74
N TRP B 5 7.14 -24.70 -20.68
CA TRP B 5 6.65 -23.41 -21.12
C TRP B 5 5.54 -22.86 -20.24
N LEU B 6 5.12 -23.61 -19.22
CA LEU B 6 4.15 -23.12 -18.26
C LEU B 6 4.79 -22.50 -17.02
N ASP B 7 5.96 -22.99 -16.61
CA ASP B 7 6.67 -22.36 -15.51
C ASP B 7 7.36 -21.07 -15.97
N ILE B 8 7.77 -20.99 -17.23
CA ILE B 8 8.27 -19.74 -17.76
C ILE B 8 7.19 -18.67 -17.69
N TYR B 9 5.95 -19.05 -18.01
CA TYR B 9 4.83 -18.12 -17.86
C TYR B 9 4.64 -17.72 -16.40
N HIS B 10 4.87 -18.66 -15.47
CA HIS B 10 4.77 -18.32 -14.06
C HIS B 10 5.82 -17.29 -13.65
N VAL B 11 7.05 -17.46 -14.14
CA VAL B 11 8.10 -16.49 -13.85
C VAL B 11 7.73 -15.13 -14.44
N VAL B 12 7.23 -15.12 -15.68
CA VAL B 12 6.86 -13.87 -16.32
C VAL B 12 5.72 -13.20 -15.55
N SER B 13 4.77 -13.99 -15.06
CA SER B 13 3.66 -13.43 -14.30
C SER B 13 4.12 -12.89 -12.96
N ALA B 14 5.13 -13.51 -12.35
CA ALA B 14 5.68 -12.97 -11.12
C ALA B 14 6.45 -11.69 -11.36
N THR B 15 7.11 -11.57 -12.52
CA THR B 15 7.95 -10.40 -12.79
C THR B 15 7.14 -9.21 -13.29
N VAL B 16 6.08 -9.46 -14.06
CA VAL B 16 5.40 -8.35 -14.75
C VAL B 16 4.79 -7.36 -13.78
N PRO B 17 4.10 -7.76 -12.70
CA PRO B 17 3.53 -6.74 -11.80
C PRO B 17 4.54 -5.75 -11.27
N LEU B 18 5.75 -6.21 -10.94
CA LEU B 18 6.78 -5.30 -10.45
C LEU B 18 7.16 -4.28 -11.51
N TYR B 19 7.35 -4.73 -12.75
CA TYR B 19 7.67 -3.81 -13.82
C TYR B 19 6.51 -2.86 -14.12
N VAL B 20 5.28 -3.31 -13.92
CA VAL B 20 4.13 -2.45 -14.14
C VAL B 20 4.10 -1.32 -13.11
N SER B 21 4.32 -1.66 -11.84
CA SER B 21 4.41 -0.62 -10.82
C SER B 21 5.59 0.31 -11.09
N MET B 22 6.71 -0.25 -11.50
CA MET B 22 7.89 0.56 -11.83
C MET B 22 7.56 1.56 -12.93
N THR B 23 6.92 1.10 -14.01
CA THR B 23 6.61 1.98 -15.13
C THR B 23 5.56 3.00 -14.75
N LEU B 24 4.59 2.62 -13.92
CA LEU B 24 3.61 3.59 -13.45
C LEU B 24 4.29 4.72 -12.68
N GLY B 25 5.19 4.37 -11.76
CA GLY B 25 5.90 5.39 -11.03
C GLY B 25 6.77 6.25 -11.92
N PHE B 26 7.45 5.63 -12.88
CA PHE B 26 8.31 6.38 -13.78
C PHE B 26 7.51 7.38 -14.61
N LEU B 27 6.39 6.93 -15.17
CA LEU B 27 5.53 7.82 -15.94
C LEU B 27 4.98 8.94 -15.06
N SER B 28 4.58 8.60 -13.84
CA SER B 28 4.03 9.61 -12.94
C SER B 28 5.05 10.70 -12.65
N ALA B 29 6.30 10.32 -12.39
CA ALA B 29 7.30 11.32 -12.05
C ALA B 29 7.80 12.09 -13.27
N ARG B 30 7.91 11.44 -14.43
CA ARG B 30 8.51 12.06 -15.60
C ARG B 30 7.47 12.70 -16.52
N HIS B 31 6.53 11.91 -17.01
CA HIS B 31 5.57 12.39 -18.01
C HIS B 31 4.38 13.09 -17.37
N LEU B 32 3.65 12.40 -16.50
CA LEU B 32 2.54 13.02 -15.80
C LEU B 32 3.01 14.10 -14.84
N LYS B 33 4.24 13.97 -14.34
CA LYS B 33 4.82 14.95 -13.42
C LYS B 33 3.92 15.16 -12.21
N LEU B 34 3.33 14.06 -11.73
CA LEU B 34 2.46 14.15 -10.56
C LEU B 34 3.25 14.46 -9.30
N PHE B 35 4.47 13.94 -9.19
CA PHE B 35 5.26 14.01 -7.96
C PHE B 35 6.52 14.82 -8.20
N SER B 36 6.79 15.76 -7.32
CA SER B 36 8.05 16.50 -7.30
C SER B 36 9.09 15.71 -6.54
N PRO B 37 10.37 16.08 -6.66
CA PRO B 37 11.43 15.31 -5.98
C PRO B 37 11.20 15.17 -4.48
N GLU B 38 10.69 16.21 -3.83
CA GLU B 38 10.39 16.11 -2.40
C GLU B 38 9.30 15.08 -2.14
N GLN B 39 8.27 15.06 -2.97
CA GLN B 39 7.18 14.09 -2.79
C GLN B 39 7.67 12.67 -3.08
N CYS B 40 8.53 12.50 -4.07
CA CYS B 40 9.11 11.19 -4.33
C CYS B 40 9.95 10.73 -3.13
N ALA B 41 10.73 11.64 -2.55
CA ALA B 41 11.50 11.30 -1.35
C ALA B 41 10.58 10.93 -0.20
N GLY B 42 9.44 11.63 -0.07
CA GLY B 42 8.50 11.29 0.98
C GLY B 42 7.88 9.91 0.78
N ILE B 43 7.55 9.57 -0.46
CA ILE B 43 7.01 8.24 -0.73
C ILE B 43 8.05 7.17 -0.40
N ASN B 44 9.31 7.39 -0.82
CA ASN B 44 10.36 6.44 -0.51
C ASN B 44 10.58 6.32 1.00
N LYS B 45 10.51 7.44 1.71
CA LYS B 45 10.66 7.40 3.16
C LYS B 45 9.53 6.60 3.81
N PHE B 46 8.30 6.78 3.33
CA PHE B 46 7.20 5.98 3.86
C PHE B 46 7.43 4.50 3.60
N VAL B 47 7.92 4.16 2.40
CA VAL B 47 8.20 2.76 2.10
C VAL B 47 9.27 2.23 3.04
N ALA B 48 10.31 3.01 3.28
CA ALA B 48 11.42 2.55 4.10
C ALA B 48 11.05 2.44 5.57
N LYS B 49 10.16 3.31 6.06
CA LYS B 49 9.86 3.39 7.49
C LYS B 49 8.64 2.59 7.91
N PHE B 50 7.74 2.28 7.00
CA PHE B 50 6.50 1.60 7.36
C PHE B 50 6.25 0.34 6.55
N SER B 51 6.60 0.33 5.27
CA SER B 51 6.32 -0.83 4.43
C SER B 51 7.34 -1.94 4.66
N ILE B 52 8.62 -1.62 4.49
CA ILE B 52 9.65 -2.65 4.65
C ILE B 52 9.72 -3.16 6.08
N PRO B 53 9.68 -2.32 7.13
CA PRO B 53 9.70 -2.87 8.49
C PRO B 53 8.53 -3.79 8.79
N LEU B 54 7.32 -3.46 8.32
CA LEU B 54 6.17 -4.30 8.59
C LEU B 54 6.23 -5.59 7.78
N LEU B 55 6.73 -5.51 6.55
CA LEU B 55 6.99 -6.72 5.78
C LEU B 55 7.99 -7.62 6.50
N SER B 56 9.05 -7.02 7.04
CA SER B 56 10.04 -7.80 7.77
C SER B 56 9.43 -8.48 8.99
N PHE B 57 8.61 -7.75 9.74
CA PHE B 57 7.95 -8.36 10.90
C PHE B 57 7.04 -9.50 10.46
N GLN B 58 6.27 -9.30 9.39
CA GLN B 58 5.36 -10.35 8.93
C GLN B 58 6.14 -11.58 8.47
N ILE B 59 7.29 -11.37 7.84
CA ILE B 59 8.10 -12.50 7.37
C ILE B 59 8.69 -13.25 8.55
N ILE B 60 9.27 -12.52 9.51
CA ILE B 60 9.97 -13.16 10.61
C ILE B 60 8.99 -13.87 11.54
N SER B 61 7.86 -13.23 11.83
CA SER B 61 6.93 -13.78 12.82
C SER B 61 6.36 -15.13 12.39
N GLU B 62 6.06 -15.26 11.09
CA GLU B 62 5.45 -16.49 10.56
C GLU B 62 6.48 -17.53 10.17
N ASN B 63 7.68 -17.48 10.74
CA ASN B 63 8.73 -18.48 10.50
C ASN B 63 9.12 -19.10 11.83
N ASN B 64 9.10 -20.42 11.88
CA ASN B 64 9.47 -21.14 13.10
C ASN B 64 10.98 -21.07 13.28
N PRO B 65 11.51 -20.31 14.25
CA PRO B 65 12.96 -20.21 14.39
C PRO B 65 13.62 -21.53 14.73
N PHE B 66 12.89 -22.49 15.28
CA PHE B 66 13.47 -23.75 15.70
C PHE B 66 13.46 -24.82 14.60
N LYS B 67 12.80 -24.55 13.48
CA LYS B 67 12.81 -25.46 12.33
C LYS B 67 13.73 -24.98 11.22
N MET B 68 14.47 -23.90 11.43
CA MET B 68 15.39 -23.41 10.42
C MET B 68 16.61 -24.34 10.31
N SER B 69 17.09 -24.51 9.09
CA SER B 69 18.23 -25.39 8.87
C SER B 69 19.51 -24.73 9.37
N PRO B 70 20.23 -25.32 10.32
CA PRO B 70 21.51 -24.71 10.72
C PRO B 70 22.51 -24.61 9.58
N LYS B 71 22.54 -25.61 8.70
CA LYS B 71 23.51 -25.60 7.61
C LYS B 71 23.19 -24.49 6.61
N LEU B 72 21.91 -24.25 6.35
CA LEU B 72 21.54 -23.15 5.46
C LEU B 72 21.97 -21.81 6.04
N ILE B 73 21.76 -21.61 7.34
CA ILE B 73 22.16 -20.36 7.99
C ILE B 73 23.68 -20.21 7.92
N LEU B 74 24.41 -21.28 8.20
CA LEU B 74 25.87 -21.21 8.13
C LEU B 74 26.34 -20.89 6.72
N SER B 75 25.71 -21.50 5.71
CA SER B 75 26.09 -21.23 4.33
C SER B 75 25.82 -19.78 3.96
N ASP B 76 24.68 -19.24 4.38
CA ASP B 76 24.38 -17.84 4.08
C ASP B 76 25.39 -16.92 4.75
N ILE B 77 25.69 -17.17 6.02
CA ILE B 77 26.65 -16.32 6.74
C ILE B 77 28.03 -16.41 6.09
N LEU B 78 28.45 -17.61 5.72
CA LEU B 78 29.76 -17.77 5.08
C LEU B 78 29.80 -17.09 3.72
N GLN B 79 28.72 -17.17 2.95
CA GLN B 79 28.68 -16.47 1.67
C GLN B 79 28.83 -14.97 1.88
N LYS B 80 28.09 -14.42 2.84
CA LYS B 80 28.19 -12.98 3.11
C LYS B 80 29.60 -12.61 3.55
N PHE B 81 30.21 -13.42 4.40
CA PHE B 81 31.57 -13.13 4.86
C PHE B 81 32.57 -13.18 3.71
N LEU B 82 32.46 -14.19 2.84
CA LEU B 82 33.36 -14.29 1.70
C LEU B 82 33.18 -13.11 0.76
N VAL B 83 31.92 -12.70 0.51
CA VAL B 83 31.67 -11.57 -0.37
C VAL B 83 32.26 -10.30 0.24
N VAL B 84 32.11 -10.13 1.56
CA VAL B 84 32.68 -8.95 2.21
C VAL B 84 34.19 -8.95 2.06
N VAL B 85 34.82 -10.11 2.27
CA VAL B 85 36.27 -10.19 2.16
C VAL B 85 36.72 -9.83 0.74
N VAL B 86 36.02 -10.38 -0.25
CA VAL B 86 36.40 -10.13 -1.65
C VAL B 86 36.22 -8.65 -1.99
N LEU B 87 35.11 -8.05 -1.57
CA LEU B 87 34.88 -6.64 -1.85
C LEU B 87 35.92 -5.76 -1.17
N ALA B 88 36.28 -6.10 0.08
CA ALA B 88 37.30 -5.33 0.78
C ALA B 88 38.66 -5.45 0.10
N MET B 89 39.01 -6.64 -0.36
CA MET B 89 40.32 -6.84 -0.97
C MET B 89 40.40 -6.19 -2.35
N VAL B 90 39.37 -6.35 -3.18
CA VAL B 90 39.42 -5.80 -4.52
C VAL B 90 39.49 -4.27 -4.48
N LEU B 91 38.69 -3.65 -3.59
CA LEU B 91 38.74 -2.20 -3.47
C LEU B 91 40.10 -1.71 -3.02
N ARG B 92 40.91 -2.56 -2.40
CA ARG B 92 42.24 -2.16 -1.98
C ARG B 92 43.18 -1.91 -3.15
N PHE B 93 42.90 -2.51 -4.31
CA PHE B 93 43.72 -2.34 -5.50
C PHE B 93 42.98 -1.58 -6.60
N TRP B 94 41.82 -2.09 -7.02
CA TRP B 94 41.01 -1.45 -8.05
C TRP B 94 39.80 -0.80 -7.37
N HIS B 95 39.64 0.50 -7.58
CA HIS B 95 38.57 1.27 -6.97
C HIS B 95 37.69 1.87 -8.05
N PRO B 96 36.36 1.74 -7.95
CA PRO B 96 35.50 2.33 -8.98
C PRO B 96 35.61 3.85 -9.00
N THR B 97 35.43 4.42 -10.20
CA THR B 97 35.34 5.86 -10.39
C THR B 97 36.67 6.58 -10.20
N GLY B 98 37.80 5.87 -10.29
CA GLY B 98 39.10 6.50 -10.33
C GLY B 98 39.87 6.55 -9.03
N GLY B 99 39.40 5.89 -7.98
CA GLY B 99 40.17 5.82 -6.75
C GLY B 99 40.01 6.98 -5.80
N ARG B 100 38.88 7.69 -5.86
CA ARG B 100 38.68 8.82 -4.96
C ARG B 100 38.71 8.38 -3.51
N GLY B 101 38.02 7.28 -3.19
CA GLY B 101 37.93 6.80 -1.82
C GLY B 101 36.57 6.25 -1.48
N GLY B 102 36.15 6.40 -0.23
CA GLY B 102 34.84 5.94 0.18
C GLY B 102 34.66 4.44 0.03
N LYS B 103 35.64 3.67 0.49
CA LYS B 103 35.60 2.22 0.32
C LYS B 103 34.52 1.54 1.15
N LEU B 104 33.93 2.23 2.11
CA LEU B 104 32.87 1.61 2.90
C LEU B 104 31.52 1.71 2.21
N GLY B 105 31.25 2.83 1.53
CA GLY B 105 30.03 2.93 0.75
C GLY B 105 30.03 1.98 -0.43
N TRP B 106 31.19 1.78 -1.04
CA TRP B 106 31.29 0.83 -2.14
C TRP B 106 31.07 -0.60 -1.65
N VAL B 107 31.55 -0.93 -0.46
CA VAL B 107 31.27 -2.24 0.11
C VAL B 107 29.78 -2.40 0.38
N ILE B 108 29.13 -1.34 0.86
CA ILE B 108 27.68 -1.41 1.09
C ILE B 108 26.94 -1.65 -0.22
N THR B 109 27.35 -0.95 -1.29
CA THR B 109 26.73 -1.17 -2.59
C THR B 109 26.98 -2.58 -3.09
N GLY B 110 28.21 -3.07 -2.94
CA GLY B 110 28.51 -4.42 -3.38
C GLY B 110 27.74 -5.48 -2.62
N LEU B 111 27.50 -5.25 -1.33
CA LEU B 111 26.68 -6.19 -0.55
C LEU B 111 25.21 -6.10 -0.94
N SER B 112 24.72 -4.89 -1.21
CA SER B 112 23.36 -4.73 -1.68
C SER B 112 23.15 -5.47 -2.99
N ILE B 113 24.14 -5.43 -3.88
CA ILE B 113 24.03 -6.11 -5.16
C ILE B 113 24.19 -7.61 -4.99
N SER B 114 25.37 -8.04 -4.54
CA SER B 114 25.75 -9.44 -4.64
C SER B 114 24.88 -10.35 -3.78
N VAL B 115 24.63 -9.94 -2.53
CA VAL B 115 24.20 -10.90 -1.50
C VAL B 115 22.85 -10.55 -0.91
N LEU B 116 21.96 -9.97 -1.71
CA LEU B 116 20.61 -9.70 -1.22
C LEU B 116 19.61 -9.84 -2.36
N PRO B 117 19.50 -11.01 -2.96
CA PRO B 117 18.61 -11.18 -4.12
C PRO B 117 17.15 -11.23 -3.74
N ASN B 118 16.30 -10.97 -4.73
CA ASN B 118 14.86 -11.13 -4.58
C ASN B 118 14.54 -12.62 -4.57
N THR B 119 14.14 -13.14 -3.41
CA THR B 119 14.02 -14.58 -3.22
C THR B 119 12.60 -15.09 -3.27
N LEU B 120 11.61 -14.28 -2.91
CA LEU B 120 10.23 -14.77 -2.83
C LEU B 120 9.46 -14.54 -4.13
N ILE B 121 9.34 -13.28 -4.56
CA ILE B 121 8.44 -12.98 -5.67
C ILE B 121 8.90 -13.69 -6.93
N LEU B 122 10.20 -13.63 -7.22
CA LEU B 122 10.75 -14.22 -8.43
C LEU B 122 11.47 -15.53 -8.20
N GLY B 123 11.79 -15.87 -6.95
CA GLY B 123 12.54 -17.08 -6.67
C GLY B 123 11.67 -18.30 -6.45
N MET B 124 10.40 -18.09 -6.15
CA MET B 124 9.47 -19.20 -5.92
C MET B 124 9.05 -19.84 -7.24
N PRO B 125 8.53 -19.08 -8.20
CA PRO B 125 7.94 -19.72 -9.39
C PRO B 125 8.90 -20.62 -10.14
N ILE B 126 10.19 -20.29 -10.18
CA ILE B 126 11.15 -21.08 -10.93
C ILE B 126 11.73 -22.21 -10.08
N LEU B 127 12.22 -21.90 -8.88
CA LEU B 127 12.89 -22.91 -8.07
C LEU B 127 11.90 -23.95 -7.55
N SER B 128 10.72 -23.52 -7.10
CA SER B 128 9.73 -24.49 -6.64
C SER B 128 9.29 -25.40 -7.77
N ALA B 129 9.09 -24.83 -8.96
CA ALA B 129 8.68 -25.65 -10.10
C ALA B 129 9.76 -26.64 -10.49
N ILE B 130 11.02 -26.19 -10.56
CA ILE B 130 12.09 -27.08 -10.97
C ILE B 130 12.30 -28.19 -9.95
N TYR B 131 12.28 -27.86 -8.65
CA TYR B 131 12.61 -28.80 -7.60
C TYR B 131 11.40 -29.31 -6.84
N GLY B 132 10.58 -28.41 -6.30
CA GLY B 132 9.38 -28.83 -5.59
C GLY B 132 9.07 -28.02 -4.35
N ASP B 133 8.76 -28.71 -3.26
CA ASP B 133 8.39 -28.05 -2.01
C ASP B 133 9.57 -27.77 -1.10
N GLU B 134 10.66 -28.53 -1.22
CA GLU B 134 11.84 -28.24 -0.43
C GLU B 134 12.41 -26.87 -0.78
N ALA B 135 12.39 -26.53 -2.07
CA ALA B 135 12.84 -25.21 -2.49
C ALA B 135 12.03 -24.11 -1.82
N ALA B 136 10.71 -24.34 -1.66
CA ALA B 136 9.87 -23.35 -1.02
C ALA B 136 10.36 -23.06 0.40
N SER B 137 10.56 -24.11 1.19
CA SER B 137 11.02 -23.92 2.57
C SER B 137 12.39 -23.28 2.61
N ILE B 138 13.29 -23.70 1.72
CA ILE B 138 14.64 -23.14 1.72
C ILE B 138 14.59 -21.64 1.42
N LEU B 139 13.79 -21.25 0.42
CA LEU B 139 13.71 -19.84 0.06
C LEU B 139 13.04 -19.03 1.16
N GLU B 140 12.02 -19.61 1.83
CA GLU B 140 11.41 -18.91 2.96
C GLU B 140 12.42 -18.69 4.08
N GLN B 141 13.24 -19.69 4.38
CA GLN B 141 14.27 -19.53 5.39
C GLN B 141 15.28 -18.46 4.98
N ILE B 142 15.65 -18.44 3.70
CA ILE B 142 16.60 -17.44 3.23
C ILE B 142 16.01 -16.03 3.35
N VAL B 143 14.74 -15.86 3.02
CA VAL B 143 14.11 -14.55 3.12
C VAL B 143 14.01 -14.12 4.59
N VAL B 144 13.70 -15.08 5.47
CA VAL B 144 13.66 -14.77 6.90
C VAL B 144 15.04 -14.33 7.37
N LEU B 145 16.09 -15.04 6.94
CA LEU B 145 17.44 -14.65 7.31
C LEU B 145 17.76 -13.25 6.81
N GLN B 146 17.38 -12.94 5.58
CA GLN B 146 17.56 -11.59 5.06
C GLN B 146 16.92 -10.57 5.98
N SER B 147 15.59 -10.64 6.12
CA SER B 147 14.86 -9.64 6.90
C SER B 147 15.35 -9.57 8.34
N LEU B 148 15.88 -10.68 8.88
CA LEU B 148 16.23 -10.74 10.29
C LEU B 148 17.63 -10.21 10.57
N ILE B 149 18.61 -10.58 9.76
CA ILE B 149 20.01 -10.27 10.01
C ILE B 149 20.55 -9.28 9.00
N TRP B 150 20.33 -9.54 7.71
CA TRP B 150 21.10 -8.85 6.69
C TRP B 150 20.59 -7.44 6.45
N TYR B 151 19.28 -7.23 6.50
CA TYR B 151 18.76 -5.87 6.40
C TYR B 151 19.21 -5.03 7.59
N THR B 152 19.20 -5.62 8.79
CA THR B 152 19.65 -4.88 9.97
C THR B 152 21.12 -4.51 9.87
N ILE B 153 21.96 -5.45 9.43
CA ILE B 153 23.38 -5.14 9.30
C ILE B 153 23.61 -4.13 8.19
N LEU B 154 22.84 -4.21 7.10
CA LEU B 154 22.96 -3.23 6.03
C LEU B 154 22.58 -1.85 6.51
N LEU B 155 21.52 -1.75 7.30
CA LEU B 155 21.14 -0.45 7.85
C LEU B 155 22.19 0.08 8.82
N PHE B 156 22.78 -0.81 9.63
CA PHE B 156 23.86 -0.37 10.51
C PHE B 156 25.04 0.15 9.71
N LEU B 157 25.38 -0.53 8.62
CA LEU B 157 26.47 -0.06 7.77
C LEU B 157 26.13 1.26 7.12
N PHE B 158 24.89 1.44 6.69
CA PHE B 158 24.45 2.71 6.12
C PHE B 158 24.63 3.83 7.14
N GLU B 159 24.19 3.60 8.38
CA GLU B 159 24.30 4.62 9.41
C GLU B 159 25.75 4.89 9.77
N LEU B 160 26.59 3.84 9.77
CA LEU B 160 28.00 4.03 10.05
C LEU B 160 28.67 4.86 8.95
N ASN B 161 28.31 4.61 7.69
CA ASN B 161 28.84 5.41 6.59
C ASN B 161 28.37 6.85 6.71
N ALA B 162 27.10 7.06 7.05
CA ALA B 162 26.59 8.42 7.18
C ALA B 162 27.27 9.15 8.33
N ALA B 163 27.60 8.42 9.41
CA ALA B 163 28.24 9.06 10.56
C ALA B 163 29.68 9.44 10.26
N ARG B 164 30.35 8.69 9.37
CA ARG B 164 31.74 8.99 9.04
C ARG B 164 31.89 10.33 8.34
N ALA B 165 30.83 10.85 7.75
CA ALA B 165 30.89 12.14 7.06
C ALA B 165 29.52 12.81 7.05
N GLY B 207 38.49 8.24 18.56
CA GLY B 207 37.68 8.96 17.61
C GLY B 207 36.75 8.06 16.81
N THR B 208 37.22 6.84 16.54
CA THR B 208 36.40 5.89 15.78
C THR B 208 35.25 5.36 16.62
N MET B 209 35.47 5.16 17.93
CA MET B 209 34.41 4.62 18.77
C MET B 209 33.21 5.55 18.82
N LYS B 210 33.43 6.86 18.76
CA LYS B 210 32.32 7.80 18.75
C LYS B 210 31.46 7.62 17.51
N ILE B 211 32.09 7.36 16.37
CA ILE B 211 31.34 7.13 15.13
C ILE B 211 30.49 5.87 15.25
N LEU B 212 31.06 4.80 15.81
CA LEU B 212 30.29 3.58 15.99
C LEU B 212 29.13 3.80 16.96
N LEU B 213 29.37 4.56 18.02
CA LEU B 213 28.29 4.87 18.97
C LEU B 213 27.17 5.65 18.29
N LYS B 214 27.55 6.62 17.45
CA LYS B 214 26.54 7.39 16.72
C LYS B 214 25.74 6.49 15.79
N ALA B 215 26.43 5.59 15.08
CA ALA B 215 25.73 4.67 14.19
C ALA B 215 24.77 3.77 14.97
N TRP B 216 25.22 3.26 16.11
CA TRP B 216 24.34 2.43 16.94
C TRP B 216 23.14 3.21 17.44
N ARG B 217 23.35 4.45 17.89
CA ARG B 217 22.24 5.27 18.35
C ARG B 217 21.24 5.54 17.24
N LYS B 218 21.73 5.77 16.03
CA LYS B 218 20.82 5.95 14.90
C LYS B 218 20.13 4.66 14.54
N LEU B 219 20.75 3.51 14.83
CA LEU B 219 20.14 2.23 14.50
C LEU B 219 18.98 1.89 15.43
N ILE B 220 19.15 2.13 16.74
CA ILE B 220 18.17 1.68 17.73
C ILE B 220 16.92 2.53 17.69
N ILE B 221 16.87 3.51 16.79
CA ILE B 221 15.64 4.23 16.50
C ILE B 221 15.04 3.84 15.17
N ASN B 222 15.71 3.00 14.40
CA ASN B 222 15.18 2.55 13.12
C ASN B 222 13.96 1.68 13.35
N PRO B 223 12.91 1.82 12.54
CA PRO B 223 11.80 0.86 12.61
C PRO B 223 12.21 -0.56 12.26
N ASN B 224 13.29 -0.73 11.50
CA ASN B 224 13.66 -2.06 11.02
C ASN B 224 14.24 -2.92 12.13
N THR B 225 15.11 -2.35 12.97
CA THR B 225 15.68 -3.13 14.07
C THR B 225 14.58 -3.57 15.03
N TYR B 226 13.64 -2.68 15.34
CA TYR B 226 12.54 -3.05 16.22
C TYR B 226 11.63 -4.06 15.55
N ALA B 227 11.41 -3.93 14.24
CA ALA B 227 10.63 -4.92 13.52
C ALA B 227 11.26 -6.30 13.66
N THR B 228 12.58 -6.39 13.44
CA THR B 228 13.24 -7.68 13.55
C THR B 228 13.19 -8.22 14.97
N LEU B 229 13.46 -7.37 15.98
CA LEU B 229 13.45 -7.85 17.36
C LEU B 229 12.07 -8.33 17.77
N ILE B 230 11.04 -7.52 17.50
CA ILE B 230 9.68 -7.91 17.87
C ILE B 230 9.25 -9.14 17.09
N GLY B 231 9.65 -9.23 15.81
CA GLY B 231 9.28 -10.39 15.02
C GLY B 231 9.90 -11.66 15.55
N ILE B 232 11.17 -11.63 15.92
CA ILE B 232 11.82 -12.84 16.43
C ILE B 232 11.26 -13.21 17.80
N ILE B 233 11.04 -12.21 18.67
CA ILE B 233 10.46 -12.49 19.98
C ILE B 233 9.07 -13.10 19.81
N TRP B 234 8.25 -12.52 18.93
CA TRP B 234 6.94 -13.08 18.65
C TRP B 234 7.07 -14.50 18.15
N ALA B 235 7.69 -14.69 16.98
CA ALA B 235 7.91 -16.03 16.44
C ALA B 235 8.26 -17.02 17.53
N THR B 236 9.17 -16.65 18.43
CA THR B 236 9.53 -17.54 19.52
C THR B 236 8.32 -17.85 20.40
N LEU B 237 7.60 -16.82 20.84
CA LEU B 237 6.45 -17.07 21.71
C LEU B 237 5.37 -17.89 21.00
N HIS B 238 5.09 -17.55 19.75
CA HIS B 238 4.03 -18.19 18.98
C HIS B 238 4.34 -19.67 18.72
N PHE B 239 5.59 -19.98 18.36
CA PHE B 239 5.96 -21.34 18.00
C PHE B 239 6.50 -22.15 19.17
N ARG B 240 6.64 -21.55 20.35
CA ARG B 240 7.06 -22.27 21.55
C ARG B 240 6.01 -22.22 22.65
N LEU B 241 5.15 -21.21 22.68
CA LEU B 241 4.09 -21.11 23.68
C LEU B 241 2.70 -21.12 23.08
N GLY B 242 2.56 -21.07 21.75
CA GLY B 242 1.28 -21.15 21.12
C GLY B 242 0.48 -19.87 21.08
N TRP B 243 1.04 -18.75 21.58
CA TRP B 243 0.32 -17.49 21.54
C TRP B 243 -0.03 -17.12 20.10
N ASN B 244 -1.25 -16.61 19.92
CA ASN B 244 -1.72 -16.17 18.62
C ASN B 244 -1.84 -14.65 18.61
N LEU B 245 -1.40 -14.05 17.52
CA LEU B 245 -1.43 -12.59 17.42
C LEU B 245 -2.87 -12.11 17.40
N PRO B 246 -3.25 -11.14 18.25
CA PRO B 246 -4.65 -10.67 18.23
C PRO B 246 -5.05 -10.21 16.83
N GLU B 247 -6.29 -10.53 16.46
CA GLU B 247 -6.75 -10.25 15.11
C GLU B 247 -6.65 -8.76 14.79
N MET B 248 -6.90 -7.91 15.78
CA MET B 248 -6.82 -6.47 15.56
C MET B 248 -5.41 -6.07 15.14
N ILE B 249 -4.39 -6.59 15.82
CA ILE B 249 -3.02 -6.23 15.49
C ILE B 249 -2.64 -6.77 14.12
N ASP B 250 -3.06 -7.99 13.80
CA ASP B 250 -2.76 -8.56 12.50
C ASP B 250 -3.36 -7.71 11.38
N LYS B 251 -4.63 -7.33 11.53
CA LYS B 251 -5.26 -6.48 10.52
C LYS B 251 -4.59 -5.11 10.47
N SER B 252 -4.20 -4.56 11.61
CA SER B 252 -3.53 -3.26 11.61
C SER B 252 -2.23 -3.32 10.83
N ILE B 253 -1.44 -4.38 11.04
CA ILE B 253 -0.19 -4.53 10.31
C ILE B 253 -0.45 -4.72 8.82
N HIS B 254 -1.41 -5.57 8.47
CA HIS B 254 -1.68 -5.83 7.06
C HIS B 254 -2.23 -4.62 6.35
N LEU B 255 -2.91 -3.72 7.07
CA LEU B 255 -3.49 -2.55 6.44
C LEU B 255 -2.41 -1.66 5.84
N LEU B 256 -1.30 -1.48 6.55
CA LEU B 256 -0.21 -0.62 6.09
C LEU B 256 0.88 -1.36 5.35
N SER B 257 1.04 -2.66 5.58
CA SER B 257 2.12 -3.42 4.96
C SER B 257 1.73 -4.10 3.66
N ASP B 258 0.44 -4.11 3.32
CA ASP B 258 -0.01 -4.89 2.17
C ASP B 258 0.59 -4.37 0.87
N GLY B 259 0.70 -3.06 0.72
CA GLY B 259 1.17 -2.46 -0.52
C GLY B 259 2.65 -2.12 -0.50
N GLY B 260 3.41 -2.77 0.38
CA GLY B 260 4.81 -2.40 0.53
C GLY B 260 5.62 -2.63 -0.74
N LEU B 261 5.46 -3.79 -1.36
CA LEU B 261 6.26 -4.13 -2.53
C LEU B 261 5.87 -3.26 -3.73
N GLY B 262 4.57 -3.07 -3.94
CA GLY B 262 4.14 -2.21 -5.03
C GLY B 262 4.67 -0.79 -4.88
N MET B 263 4.65 -0.26 -3.66
CA MET B 263 5.17 1.07 -3.42
C MET B 263 6.69 1.12 -3.54
N ALA B 264 7.38 0.02 -3.21
CA ALA B 264 8.83 -0.02 -3.43
C ALA B 264 9.16 0.07 -4.91
N MET B 265 8.44 -0.70 -5.73
CA MET B 265 8.65 -0.61 -7.18
C MET B 265 8.25 0.77 -7.70
N PHE B 266 7.18 1.33 -7.15
CA PHE B 266 6.76 2.68 -7.53
C PHE B 266 7.85 3.71 -7.23
N SER B 267 8.48 3.59 -6.05
CA SER B 267 9.56 4.50 -5.69
C SER B 267 10.76 4.31 -6.59
N LEU B 268 11.05 3.07 -6.98
CA LEU B 268 12.14 2.81 -7.91
C LEU B 268 11.86 3.49 -9.25
N GLY B 269 10.63 3.40 -9.74
CA GLY B 269 10.26 4.11 -10.95
C GLY B 269 10.36 5.61 -10.80
N LEU B 270 9.94 6.13 -9.65
CA LEU B 270 10.02 7.57 -9.40
C LEU B 270 11.47 8.04 -9.44
N PHE B 271 12.38 7.26 -8.84
CA PHE B 271 13.80 7.60 -8.91
C PHE B 271 14.31 7.54 -10.35
N MET B 272 13.93 6.49 -11.09
CA MET B 272 14.36 6.40 -12.48
C MET B 272 13.90 7.59 -13.30
N ALA B 273 12.73 8.14 -12.97
CA ALA B 273 12.23 9.29 -13.72
C ALA B 273 13.17 10.48 -13.65
N SER B 274 14.02 10.56 -12.63
CA SER B 274 14.92 11.69 -12.44
C SER B 274 16.31 11.46 -13.02
N GLN B 275 16.54 10.31 -13.67
CA GLN B 275 17.85 9.96 -14.20
C GLN B 275 17.92 10.26 -15.69
N SER B 276 19.13 10.54 -16.18
CA SER B 276 19.30 10.90 -17.58
C SER B 276 18.94 9.75 -18.50
N SER B 277 19.32 8.52 -18.15
CA SER B 277 19.11 7.36 -19.01
C SER B 277 18.67 6.18 -18.15
N ILE B 278 18.11 5.17 -18.83
CA ILE B 278 17.65 3.97 -18.12
C ILE B 278 18.83 3.29 -17.42
N ILE B 279 20.00 3.30 -18.04
CA ILE B 279 21.23 2.80 -17.40
C ILE B 279 21.80 4.00 -16.65
N ALA B 280 21.28 4.23 -15.44
CA ALA B 280 21.64 5.42 -14.70
C ALA B 280 23.11 5.42 -14.27
N CYS B 281 23.70 4.24 -14.09
CA CYS B 281 25.06 4.12 -13.61
C CYS B 281 26.09 4.00 -14.72
N GLY B 282 25.66 4.01 -15.99
CA GLY B 282 26.58 3.84 -17.10
C GLY B 282 26.71 2.39 -17.54
N THR B 283 27.37 2.22 -18.68
CA THR B 283 27.53 0.87 -19.23
C THR B 283 28.53 0.06 -18.42
N LYS B 284 29.67 0.65 -18.07
CA LYS B 284 30.70 -0.08 -17.33
C LYS B 284 30.19 -0.49 -15.95
N MET B 285 29.57 0.45 -15.24
CA MET B 285 29.06 0.12 -13.92
C MET B 285 27.88 -0.85 -13.98
N ALA B 286 27.06 -0.77 -15.03
CA ALA B 286 26.00 -1.75 -15.20
C ALA B 286 26.58 -3.15 -15.42
N ILE B 287 27.63 -3.25 -16.24
CA ILE B 287 28.27 -4.54 -16.46
C ILE B 287 28.86 -5.06 -15.16
N ILE B 288 29.50 -4.19 -14.39
CA ILE B 288 30.09 -4.61 -13.12
C ILE B 288 29.01 -5.08 -12.16
N THR B 289 27.88 -4.37 -12.13
CA THR B 289 26.76 -4.78 -11.28
C THR B 289 26.24 -6.15 -11.68
N MET B 290 26.08 -6.39 -12.99
CA MET B 290 25.62 -7.69 -13.44
C MET B 290 26.62 -8.78 -13.07
N LEU B 291 27.91 -8.52 -13.24
CA LEU B 291 28.92 -9.52 -12.89
C LEU B 291 28.89 -9.83 -11.40
N LEU B 292 28.77 -8.79 -10.57
CA LEU B 292 28.70 -9.03 -9.12
C LEU B 292 27.47 -9.83 -8.74
N LYS B 293 26.33 -9.51 -9.35
CA LYS B 293 25.09 -10.16 -8.94
C LYS B 293 25.01 -11.60 -9.43
N PHE B 294 25.41 -11.85 -10.67
CA PHE B 294 25.16 -13.13 -11.31
C PHE B 294 26.40 -14.00 -11.49
N VAL B 295 27.57 -13.54 -11.05
CA VAL B 295 28.78 -14.35 -11.11
C VAL B 295 29.40 -14.43 -9.72
N LEU B 296 29.71 -13.28 -9.12
CA LEU B 296 30.35 -13.28 -7.82
C LEU B 296 29.42 -13.84 -6.75
N GLY B 297 28.17 -13.41 -6.76
CA GLY B 297 27.20 -13.88 -5.79
C GLY B 297 27.09 -15.39 -5.80
N PRO B 298 26.60 -15.94 -6.92
CA PRO B 298 26.47 -17.41 -7.01
C PRO B 298 27.78 -18.15 -6.85
N ALA B 299 28.90 -17.61 -7.36
CA ALA B 299 30.17 -18.32 -7.23
C ALA B 299 30.58 -18.44 -5.77
N LEU B 300 30.50 -17.34 -5.02
CA LEU B 300 30.85 -17.39 -3.61
C LEU B 300 29.82 -18.18 -2.81
N MET B 301 28.57 -18.23 -3.27
CA MET B 301 27.59 -19.10 -2.62
C MET B 301 27.92 -20.57 -2.84
N ILE B 302 28.40 -20.90 -4.03
CA ILE B 302 28.86 -22.27 -4.30
C ILE B 302 30.04 -22.60 -3.40
N ALA B 303 30.99 -21.67 -3.26
CA ALA B 303 32.11 -21.89 -2.37
C ALA B 303 31.64 -22.11 -0.93
N SER B 304 30.69 -21.28 -0.48
CA SER B 304 30.16 -21.42 0.86
C SER B 304 29.46 -22.76 1.06
N ALA B 305 28.66 -23.18 0.08
CA ALA B 305 27.95 -24.45 0.21
C ALA B 305 28.92 -25.62 0.24
N TYR B 306 29.96 -25.57 -0.59
CA TYR B 306 30.96 -26.64 -0.56
C TYR B 306 31.71 -26.65 0.77
N CYS B 307 32.03 -25.48 1.31
CA CYS B 307 32.71 -25.43 2.61
C CYS B 307 31.82 -26.00 3.71
N ILE B 308 30.53 -25.64 3.70
CA ILE B 308 29.61 -26.14 4.71
C ILE B 308 29.16 -27.56 4.42
N ARG B 309 29.46 -28.09 3.24
CA ARG B 309 29.15 -29.47 2.89
C ARG B 309 27.63 -29.69 2.84
N LEU B 310 26.94 -28.83 2.09
CA LEU B 310 25.55 -29.08 1.79
C LEU B 310 25.43 -30.21 0.76
N LYS B 311 24.24 -30.81 0.68
CA LYS B 311 24.03 -31.96 -0.18
C LYS B 311 22.67 -31.89 -0.84
N SER B 312 22.62 -32.30 -2.12
CA SER B 312 21.38 -32.58 -2.82
C SER B 312 20.54 -31.32 -3.06
N THR B 313 19.23 -31.44 -2.88
CA THR B 313 18.33 -30.34 -3.22
C THR B 313 18.64 -29.10 -2.39
N LEU B 314 18.99 -29.28 -1.12
CA LEU B 314 19.35 -28.13 -0.30
C LEU B 314 20.53 -27.38 -0.91
N PHE B 315 21.58 -28.11 -1.27
CA PHE B 315 22.76 -27.47 -1.87
C PHE B 315 22.39 -26.76 -3.16
N LYS B 316 21.64 -27.45 -4.03
CA LYS B 316 21.32 -26.89 -5.34
C LYS B 316 20.47 -25.63 -5.22
N VAL B 317 19.45 -25.66 -4.36
CA VAL B 317 18.60 -24.49 -4.19
C VAL B 317 19.37 -23.36 -3.52
N ALA B 318 20.26 -23.70 -2.57
CA ALA B 318 21.05 -22.68 -1.90
C ALA B 318 21.95 -21.94 -2.89
N ILE B 319 22.56 -22.68 -3.82
CA ILE B 319 23.45 -22.01 -4.78
C ILE B 319 22.69 -21.43 -5.97
N LEU B 320 21.44 -21.83 -6.18
CA LEU B 320 20.63 -21.26 -7.26
C LEU B 320 19.85 -20.03 -6.82
N GLN B 321 19.56 -19.88 -5.54
CA GLN B 321 18.87 -18.69 -5.07
C GLN B 321 19.78 -17.47 -5.04
N ALA B 322 21.10 -17.66 -4.94
CA ALA B 322 22.02 -16.54 -4.96
C ALA B 322 22.12 -15.89 -6.34
N ALA B 323 21.65 -16.57 -7.38
CA ALA B 323 21.62 -16.02 -8.72
C ALA B 323 20.31 -15.32 -9.06
N LEU B 324 19.39 -15.22 -8.10
CA LEU B 324 18.13 -14.55 -8.31
C LEU B 324 18.37 -13.04 -8.44
N PRO B 325 17.38 -12.30 -8.98
CA PRO B 325 17.61 -10.87 -9.24
C PRO B 325 17.88 -10.07 -7.96
N GLN B 326 18.14 -8.77 -8.12
CA GLN B 326 18.78 -8.00 -7.06
C GLN B 326 17.82 -7.70 -5.91
N GLY B 327 16.58 -7.34 -6.20
CA GLY B 327 15.65 -6.98 -5.16
C GLY B 327 15.67 -5.48 -4.86
N VAL B 328 14.55 -4.99 -4.32
CA VAL B 328 14.31 -3.56 -4.25
C VAL B 328 14.56 -2.95 -2.88
N VAL B 329 14.51 -3.73 -1.80
CA VAL B 329 14.74 -3.17 -0.46
C VAL B 329 16.11 -2.51 -0.37
N PRO B 330 17.20 -3.13 -0.85
CA PRO B 330 18.48 -2.41 -0.85
C PRO B 330 18.41 -1.09 -1.60
N PHE B 331 17.65 -1.03 -2.71
CA PHE B 331 17.48 0.25 -3.39
C PHE B 331 16.77 1.25 -2.50
N VAL B 332 15.75 0.82 -1.78
CA VAL B 332 15.02 1.74 -0.92
C VAL B 332 15.97 2.32 0.13
N PHE B 333 16.80 1.46 0.74
CA PHE B 333 17.75 1.97 1.73
C PHE B 333 18.77 2.90 1.08
N ALA B 334 19.26 2.55 -0.11
CA ALA B 334 20.25 3.41 -0.78
C ALA B 334 19.67 4.77 -1.11
N LYS B 335 18.41 4.79 -1.58
CA LYS B 335 17.74 6.06 -1.85
C LYS B 335 17.56 6.86 -0.57
N GLU B 336 17.16 6.21 0.52
CA GLU B 336 17.00 6.91 1.78
C GLU B 336 18.31 7.53 2.24
N TYR B 337 19.40 6.79 2.14
CA TYR B 337 20.72 7.27 2.52
C TYR B 337 21.49 7.89 1.37
N ASN B 338 20.92 7.89 0.17
CA ASN B 338 21.56 8.48 -1.01
C ASN B 338 22.98 7.95 -1.19
N LEU B 339 23.10 6.62 -1.23
CA LEU B 339 24.38 5.95 -1.41
C LEU B 339 24.30 5.14 -2.70
N HIS B 340 24.72 5.77 -3.80
CA HIS B 340 24.73 5.15 -5.13
C HIS B 340 23.40 4.49 -5.46
N PRO B 341 22.27 5.20 -5.30
CA PRO B 341 20.99 4.61 -5.68
C PRO B 341 20.88 4.28 -7.15
N GLU B 342 21.62 4.99 -8.00
CA GLU B 342 21.53 4.72 -9.45
C GLU B 342 22.04 3.33 -9.78
N ILE B 343 23.13 2.89 -9.15
CA ILE B 343 23.68 1.58 -9.42
C ILE B 343 22.69 0.49 -8.99
N ILE B 344 22.13 0.63 -7.79
CA ILE B 344 21.18 -0.36 -7.29
C ILE B 344 19.95 -0.40 -8.18
N SER B 345 19.45 0.76 -8.58
CA SER B 345 18.25 0.81 -9.42
C SER B 345 18.50 0.16 -10.78
N THR B 346 19.64 0.47 -11.40
CA THR B 346 19.95 -0.13 -12.70
C THR B 346 20.08 -1.64 -12.56
N GLY B 347 20.74 -2.11 -11.49
CA GLY B 347 20.84 -3.54 -11.27
C GLY B 347 19.48 -4.19 -11.09
N VAL B 348 18.60 -3.56 -10.31
CA VAL B 348 17.26 -4.10 -10.10
C VAL B 348 16.52 -4.20 -11.42
N ILE B 349 16.58 -3.15 -12.23
CA ILE B 349 15.84 -3.14 -13.49
C ILE B 349 16.38 -4.20 -14.45
N PHE B 350 17.70 -4.31 -14.57
CA PHE B 350 18.30 -5.20 -15.55
C PHE B 350 18.48 -6.63 -15.04
N GLY B 351 18.19 -6.90 -13.77
CA GLY B 351 18.32 -8.25 -13.25
C GLY B 351 17.03 -9.03 -13.34
N MET B 352 15.89 -8.34 -13.28
CA MET B 352 14.62 -9.03 -13.41
C MET B 352 14.46 -9.65 -14.79
N LEU B 353 15.14 -9.12 -15.80
CA LEU B 353 15.15 -9.70 -17.14
C LEU B 353 16.20 -10.79 -17.30
N ILE B 354 17.35 -10.63 -16.64
CA ILE B 354 18.46 -11.58 -16.79
C ILE B 354 18.32 -12.77 -15.84
N ALA B 355 17.39 -12.73 -14.88
CA ALA B 355 17.29 -13.81 -13.90
C ALA B 355 16.96 -15.13 -14.55
N LEU B 356 15.89 -15.16 -15.36
CA LEU B 356 15.44 -16.44 -15.92
C LEU B 356 16.51 -17.09 -16.78
N PRO B 357 17.12 -16.41 -17.76
CA PRO B 357 18.23 -17.05 -18.48
C PRO B 357 19.36 -17.46 -17.56
N THR B 358 19.70 -16.64 -16.57
CA THR B 358 20.80 -16.97 -15.67
C THR B 358 20.44 -18.14 -14.77
N THR B 359 19.21 -18.16 -14.24
CA THR B 359 18.79 -19.28 -13.42
C THR B 359 18.80 -20.57 -14.23
N LEU B 360 18.31 -20.52 -15.47
CA LEU B 360 18.34 -21.71 -16.31
C LEU B 360 19.77 -22.15 -16.60
N ALA B 361 20.66 -21.20 -16.85
CA ALA B 361 22.06 -21.56 -17.11
C ALA B 361 22.68 -22.22 -15.90
N TYR B 362 22.43 -21.68 -14.71
CA TYR B 362 22.97 -22.29 -13.50
C TYR B 362 22.38 -23.67 -13.26
N TYR B 363 21.08 -23.84 -13.52
CA TYR B 363 20.46 -25.15 -13.36
C TYR B 363 21.08 -26.16 -14.31
N PHE B 364 21.28 -25.78 -15.57
CA PHE B 364 21.91 -26.68 -16.53
C PHE B 364 23.34 -27.00 -16.13
N LEU B 365 24.07 -26.00 -15.65
CA LEU B 365 25.45 -26.24 -15.22
C LEU B 365 25.50 -27.22 -14.06
N LEU B 366 24.57 -27.09 -13.11
CA LEU B 366 24.57 -27.97 -11.94
C LEU B 366 24.07 -29.37 -12.28
N ASP B 367 23.21 -29.49 -13.29
CA ASP B 367 22.72 -30.82 -13.68
C ASP B 367 23.87 -31.71 -14.11
N LEU B 368 24.81 -31.17 -14.88
CA LEU B 368 25.99 -31.93 -15.30
C LEU B 368 27.18 -31.00 -15.46
C1 DLP C . -3.77 12.45 -14.77
C2 DLP C . -3.51 10.97 -14.95
C3 DLP C . -2.75 10.71 -16.21
C4 DLP C . -2.09 15.37 -17.63
C5 DLP C . -0.89 14.67 -18.22
C6 DLP C . 0.84 16.43 -18.30
C7 DLP C . 0.90 14.60 -19.92
C8 DLP C . -0.84 16.31 -20.06
C11 DLP C . -2.90 11.21 -18.52
C12 DLP C . -3.77 11.79 -19.59
C13 DLP C . -4.55 10.75 -20.38
C14 DLP C . -5.77 10.22 -19.64
C15 DLP C . -5.48 9.08 -18.67
C16 DLP C . -5.40 7.72 -19.34
C17 DLP C . -4.28 6.83 -18.80
C18 DLP C . -4.24 6.75 -17.28
C19 DLP C . -5.57 6.46 -16.66
C20 DLP C . -6.25 5.34 -16.75
C21 DLP C . -5.84 4.10 -17.49
C22 DLP C . -6.47 3.99 -18.86
C23 DLP C . -6.20 3.09 -19.78
C24 DLP C . -5.22 1.98 -19.67
C25 DLP C . -5.86 0.64 -19.28
C26 DLP C . -5.75 -0.44 -20.35
C27 DLP C . -6.42 -0.10 -21.67
C28 DLP C . -7.92 0.07 -21.54
C31 DLP C . -2.53 9.31 -13.38
C32 DLP C . -3.25 8.30 -14.25
C33 DLP C . -3.52 7.01 -13.50
C34 DLP C . -2.30 6.12 -13.36
C35 DLP C . -2.56 4.84 -12.59
C36 DLP C . -3.45 3.85 -13.31
C37 DLP C . -4.90 3.84 -12.83
C38 DLP C . -5.83 3.05 -13.77
C39 DLP C . -7.16 2.74 -13.18
C40 DLP C . -7.98 1.78 -13.57
C41 DLP C . -7.75 0.79 -14.67
C42 DLP C . -6.73 -0.21 -14.22
C43 DLP C . -6.35 -1.31 -14.84
C44 DLP C . -6.86 -1.84 -16.13
C45 DLP C . -7.92 -2.91 -15.92
C46 DLP C . -7.96 -3.99 -17.00
C47 DLP C . -8.52 -3.53 -18.33
C48 DLP C . -8.61 -4.65 -19.34
N DLP C . 0.00 15.50 -19.12
O2 DLP C . -2.70 10.59 -13.78
O3 DLP C . -3.48 11.28 -17.33
O11 DLP C . -1.82 10.72 -18.72
O31 DLP C . -1.90 9.00 -12.42
O1P DLP C . -3.26 15.48 -14.46
O2P DLP C . -0.83 14.91 -15.01
O3P DLP C . -2.52 13.11 -14.55
O4P DLP C . -2.67 14.47 -16.66
P DLP C . -2.28 14.58 -15.12
HC11 DLP C . -4.45 12.64 -13.94
HC12 DLP C . -4.23 12.88 -15.66
HC2 DLP C . -4.48 10.48 -14.98
HC31 DLP C . -2.64 9.66 -16.44
HC32 DLP C . -1.74 11.11 -16.12
HC41 DLP C . -1.86 16.35 -17.21
HC42 DLP C . -2.82 15.53 -18.42
HC51 DLP C . -1.24 13.81 -18.78
HC52 DLP C . -0.27 14.26 -17.41
HC61 DLP C . 1.00 17.38 -18.81
HC62 DLP C . 1.82 16.00 -18.08
HC63 DLP C . 0.39 16.66 -17.33
HC71 DLP C . 1.79 15.12 -20.24
HC72 DLP C . 1.22 13.74 -19.34
HC73 DLP C . 0.41 14.22 -20.81
HC81 DLP C . -1.27 17.20 -19.60
HC82 DLP C . -1.68 15.73 -20.46
HC83 DLP C . -0.26 16.67 -20.91
H121 DLP C . -3.15 12.40 -20.26
H122 DLP C . -4.45 12.51 -19.13
H131 DLP C . -4.85 11.17 -21.34
H132 DLP C . -3.88 9.94 -20.65
H141 DLP C . -6.24 11.04 -19.09
H142 DLP C . -6.52 9.91 -20.36
H151 DLP C . -6.24 9.06 -17.89
H152 DLP C . -4.56 9.29 -18.15
H161 DLP C . -5.27 7.84 -20.41
H162 DLP C . -6.35 7.21 -19.25
H171 DLP C . -4.40 5.83 -19.21
H172 DLP C . -3.33 7.18 -19.18
H181 DLP C . -3.83 7.67 -16.87
H182 DLP C . -3.53 5.98 -16.97
H19 DLP C . -5.99 7.28 -16.08
H20 DLP C . -7.20 5.27 -16.25
H211 DLP C . -4.76 4.08 -17.59
H212 DLP C . -6.10 3.22 -16.92
H22 DLP C . -7.22 4.75 -19.08
H23 DLP C . -6.75 3.13 -20.72
H241 DLP C . -4.68 1.87 -20.61
H242 DLP C . -4.45 2.24 -18.94
H251 DLP C . -6.91 0.81 -19.03
H252 DLP C . -5.41 0.28 -18.35
H261 DLP C . -4.69 -0.65 -20.54
H262 DLP C . -6.14 -1.37 -19.97
H271 DLP C . -6.21 -0.86 -22.40
H272 DLP C . -5.99 0.81 -22.09
H281 DLP C . -8.39 -0.83 -21.13
H282 DLP C . -8.19 0.89 -20.88
H283 DLP C . -8.39 0.26 -22.50
H321 DLP C . -4.20 8.61 -14.67
H322 DLP C . -2.61 8.10 -15.10
H331 DLP C . -4.31 6.45 -14.00
H332 DLP C . -3.92 7.23 -12.52
H341 DLP C . -1.91 5.88 -14.35
H342 DLP C . -1.49 6.68 -12.89
H351 DLP C . -2.99 5.08 -11.62
H352 DLP C . -1.61 4.35 -12.35
H361 DLP C . -3.04 2.85 -13.23
H362 DLP C . -3.43 4.06 -14.38
H371 DLP C . -5.27 4.85 -12.73
H372 DLP C . -4.95 3.42 -11.83
H381 DLP C . -5.97 3.61 -14.70
H382 DLP C . -5.34 2.12 -14.07
H39 DLP C . -7.47 3.39 -12.36
H40 DLP C . -8.93 1.66 -13.04
H411 DLP C . -8.68 0.29 -14.95
H412 DLP C . -7.42 1.30 -15.58
H42 DLP C . -6.26 0.05 -13.27
H43 DLP C . -5.58 -1.92 -14.38
H441 DLP C . -7.27 -1.02 -16.72
H442 DLP C . -6.05 -2.23 -16.74
H451 DLP C . -7.78 -3.37 -14.94
H452 DLP C . -8.90 -2.43 -15.86
H461 DLP C . -6.96 -4.39 -17.14
H462 DLP C . -8.55 -4.84 -16.64
H471 DLP C . -9.50 -3.09 -18.18
H472 DLP C . -7.91 -2.72 -18.73
H481 DLP C . -9.02 -4.31 -20.29
H482 DLP C . -9.23 -5.46 -19.00
H483 DLP C . -7.63 -5.07 -19.56
C1 DLP D . -22.36 28.15 -6.85
C2 DLP D . -23.57 27.76 -7.66
C3 DLP D . -24.80 27.62 -6.80
C4 DLP D . -22.30 32.66 -4.65
C5 DLP D . -22.89 33.88 -5.32
C6 DLP D . -23.08 35.03 -3.14
C7 DLP D . -25.07 34.06 -4.18
C8 DLP D . -24.04 36.05 -5.14
C11 DLP D . -26.01 25.81 -5.84
C12 DLP D . -26.22 24.32 -5.91
C13 DLP D . -25.81 23.74 -7.26
C14 DLP D . -25.99 22.24 -7.37
C15 DLP D . -25.30 21.46 -6.27
C16 DLP D . -24.80 20.07 -6.67
C17 DLP D . -25.66 19.34 -7.68
C18 DLP D . -25.51 17.82 -7.61
C19 DLP D . -25.90 17.11 -8.86
C20 DLP D . -26.61 16.00 -8.95
C21 DLP D . -27.19 15.20 -7.83
C22 DLP D . -26.25 14.27 -7.13
C23 DLP D . -25.33 14.60 -6.25
C24 DLP D . -24.39 13.66 -5.54
C25 DLP D . -22.96 13.78 -6.06
C26 DLP D . -21.89 13.47 -5.02
C27 DLP D . -21.93 12.05 -4.50
C28 DLP D . -22.66 11.92 -3.19
C31 DLP D . -24.44 28.64 -9.81
C32 DLP D . -24.96 27.25 -9.99
C33 DLP D . -23.99 26.26 -10.63
C34 DLP D . -24.55 24.85 -10.63
C35 DLP D . -23.63 23.77 -11.17
C36 DLP D . -24.03 22.37 -10.71
C37 DLP D . -23.55 21.25 -11.62
C38 DLP D . -24.27 21.20 -12.97
C39 DLP D . -24.01 19.94 -13.73
C40 DLP D . -24.72 18.84 -13.66
C41 DLP D . -24.48 17.56 -14.41
C42 DLP D . -23.36 16.79 -13.77
C43 DLP D . -23.43 16.06 -12.68
C44 DLP D . -24.63 15.80 -11.83
C45 DLP D . -25.24 14.43 -12.07
C46 DLP D . -26.47 14.43 -12.97
C47 DLP D . -26.62 13.18 -13.82
C48 DLP D . -25.61 13.10 -14.94
N DLP D . -23.77 34.74 -4.44
O2 DLP D . -23.77 28.84 -8.64
O3 DLP D . -25.03 26.20 -6.67
O11 DLP D . -26.65 26.56 -5.16
O31 DLP D . -24.60 29.51 -10.63
O1P DLP D . -23.89 31.28 -7.15
O2P DLP D . -23.55 29.97 -4.98
O3P DLP D . -22.11 29.56 -7.00
O4P DLP D . -21.93 31.72 -5.71
P DLP D . -22.98 30.62 -6.19
HC11 DLP D . -22.48 27.89 -5.80
HC12 DLP D . -21.47 27.63 -7.20
HC2 DLP D . -23.37 26.80 -8.13
HC31 DLP D . -25.68 28.05 -7.26
HC32 DLP D . -24.66 28.11 -5.84
HC41 DLP D . -21.46 32.88 -3.99
HC42 DLP D . -23.06 32.19 -4.04
HC51 DLP D . -22.09 34.49 -5.70
HC52 DLP D . -23.47 33.57 -6.19
HC61 DLP D . -23.60 35.80 -2.57
HC62 DLP D . -23.02 34.15 -2.51
HC63 DLP D . -22.06 35.37 -3.28
HC71 DLP D . -25.04 33.49 -3.24
HC72 DLP D . -25.33 33.35 -4.96
HC73 DLP D . -25.90 34.76 -4.10
HC81 DLP D . -24.70 35.93 -5.99
HC82 DLP D . -23.13 36.51 -5.51
HC83 DLP D . -24.53 36.75 -4.49
H121 DLP D . -25.65 23.86 -5.11
H122 DLP D . -27.26 24.10 -5.69
H131 DLP D . -26.38 24.24 -8.06
H132 DLP D . -24.78 24.01 -7.47
H141 DLP D . -25.62 21.91 -8.34
H142 DLP D . -27.05 21.98 -7.38
H151 DLP D . -25.96 21.38 -5.42
H152 DLP D . -24.46 22.06 -5.89
H161 DLP D . -23.79 20.15 -7.06
H162 DLP D . -24.69 19.46 -5.77
H171 DLP D . -25.43 19.68 -8.69
H172 DLP D . -26.71 19.61 -7.54
H181 DLP D . -24.48 17.57 -7.34
H182 DLP D . -26.11 17.44 -6.79
H19 DLP D . -25.55 17.59 -9.78
H20 DLP D . -26.79 15.60 -9.95
H211 DLP D . -27.65 15.87 -7.11
H212 DLP D . -28.03 14.60 -8.21
H22 DLP D . -26.33 13.22 -7.40
H23 DLP D . -25.21 15.65 -5.97
H241 DLP D . -24.43 13.86 -4.47
H242 DLP D . -24.75 12.65 -5.65
H251 DLP D . -22.80 14.79 -6.45
H252 DLP D . -22.84 13.13 -6.91
H261 DLP D . -20.91 13.67 -5.45
H262 DLP D . -21.96 14.17 -4.19
H271 DLP D . -22.40 11.40 -5.24
H272 DLP D . -20.92 11.66 -4.40
H281 DLP D . -23.72 12.17 -3.28
H282 DLP D . -22.25 12.58 -2.43
H283 DLP D . -22.61 10.91 -2.78
H321 DLP D . -25.84 27.29 -10.62
H322 DLP D . -25.37 26.84 -9.07
H331 DLP D . -23.79 26.57 -11.66
H332 DLP D . -23.02 26.30 -10.15
H341 DLP D . -25.49 24.83 -11.18
H342 DLP D . -24.85 24.59 -9.62
H351 DLP D . -23.61 23.82 -12.26
H352 DLP D . -22.61 23.98 -10.86
H361 DLP D . -23.66 22.20 -9.70
H362 DLP D . -25.11 22.31 -10.62
H371 DLP D . -23.68 20.29 -11.12
H372 DLP D . -22.49 21.34 -11.78
H381 DLP D . -25.35 21.31 -12.82
H382 DLP D . -23.97 22.05 -13.58
H39 DLP D . -23.14 19.96 -14.38
H40 DLP D . -25.59 18.80 -13.00
H411 DLP D . -25.39 16.96 -14.47
H412 DLP D . -24.23 17.79 -15.45
H42 DLP D . -22.41 16.88 -14.29
H43 DLP D . -22.53 15.55 -12.33
H441 DLP D . -24.36 15.91 -10.78
H442 DLP D . -25.38 16.58 -11.99
H451 DLP D . -24.49 13.76 -12.47
H452 DLP D . -25.50 13.98 -11.11
H461 DLP D . -26.45 15.32 -13.60
H462 DLP D . -27.36 14.56 -12.36
H471 DLP D . -27.63 13.15 -14.24
H472 DLP D . -26.55 12.29 -13.20
H481 DLP D . -24.58 13.05 -14.57
H482 DLP D . -25.76 12.22 -15.57
H483 DLP D . -25.66 13.97 -15.60
C1 DLP E . 12.28 6.75 13.81
C2 DLP E . 11.02 5.97 14.09
C3 DLP E . 10.35 6.48 15.34
C4 DLP E . 13.40 10.18 16.34
C5 DLP E . 12.10 10.66 16.94
C6 DLP E . 12.26 13.11 16.82
C7 DLP E . 10.92 12.08 18.57
C8 DLP E . 13.35 11.93 18.65
C11 DLP E . 10.89 6.88 17.62
C12 DLP E . 11.95 6.72 18.66
C13 DLP E . 11.74 5.51 19.56
C14 DLP E . 12.15 4.19 18.90
C15 DLP E . 11.07 3.56 18.02
C16 DLP E . 10.03 2.78 18.80
C17 DLP E . 8.61 2.94 18.28
C18 DLP E . 8.48 2.78 16.76
C19 DLP E . 9.13 1.54 16.25
C20 DLP E . 8.75 0.31 16.49
C21 DLP E . 7.57 -0.14 17.31
C22 DLP E . 7.97 -0.58 18.69
C23 DLP E . 7.15 -0.91 19.68
C24 DLP E . 5.65 -0.91 19.62
C25 DLP E . 5.07 -2.31 19.42
C26 DLP E . 4.33 -2.85 20.63
C27 DLP E . 5.18 -2.99 21.88
C28 DLP E . 6.29 -4.00 21.73
C31 DLP E . 9.08 5.44 12.64
C32 DLP E . 8.83 4.33 13.62
C33 DLP E . 8.03 3.20 13.00
C34 DLP E . 6.55 3.51 12.87
C35 DLP E . 5.75 2.40 12.20
C36 DLP E . 5.65 1.13 13.03
C37 DLP E . 6.61 0.02 12.61
C38 DLP E . 6.69 -1.11 13.64
C39 DLP E . 7.36 -2.34 13.12
C40 DLP E . 7.23 -3.56 13.61
C41 DLP E . 6.39 -3.97 14.80
C42 DLP E . 4.94 -3.91 14.39
C43 DLP E . 3.90 -4.34 15.09
C44 DLP E . 3.91 -4.97 16.45
C45 DLP E . 3.79 -6.48 16.36
C46 DLP E . 3.01 -7.11 17.51
C47 DLP E . 3.77 -7.17 18.81
C48 DLP E . 3.00 -7.87 19.90
N DLP E . 12.16 11.94 17.74
O2 DLP E . 10.16 6.22 12.92
O3 DLP E . 11.30 6.41 16.43
O11 DLP E . 9.81 7.36 17.80
O31 DLP E . 8.38 5.63 11.68
O1P DLP E . 14.16 9.14 13.24
O2P DLP E . 12.12 10.59 13.72
O3P DLP E . 11.93 8.10 13.47
O4P DLP E . 13.08 9.07 15.48
P DLP E . 12.85 9.31 13.91
HC11 DLP E . 12.85 6.29 13.00
HC12 DLP E . 12.93 6.79 14.68
HC2 DLP E . 11.30 4.93 14.21
HC31 DLP E . 9.50 5.88 15.64
HC32 DLP E . 9.99 7.49 15.18
HC41 DLP E . 13.96 10.96 15.84
HC42 DLP E . 14.04 9.80 17.14
HC51 DLP E . 11.71 9.88 17.59
HC52 DLP E . 11.35 10.78 16.15
HC61 DLP E . 12.86 13.92 17.24
HC62 DLP E . 11.28 13.51 16.58
HC63 DLP E . 12.71 12.85 15.87
HC71 DLP E . 10.71 13.12 18.80
HC72 DLP E . 10.04 11.68 18.07
HC73 DLP E . 11.00 11.55 19.52
HC81 DLP E . 14.29 12.16 18.13
HC82 DLP E . 13.50 10.96 19.12
HC83 DLP E . 13.27 12.67 19.44
H121 DLP E . 11.98 7.63 19.25
H122 DLP E . 12.92 6.67 18.17
H131 DLP E . 12.29 5.64 20.49
H132 DLP E . 10.70 5.47 19.87
H141 DLP E . 13.05 4.35 18.31
H142 DLP E . 12.45 3.48 19.67
H151 DLP E . 11.54 2.92 17.29
H152 DLP E . 10.59 4.33 17.43
H161 DLP E . 10.05 3.06 19.86
H162 DLP E . 10.29 1.72 18.81
H171 DLP E . 7.95 2.24 18.78
H172 DLP E . 8.24 3.93 18.57
H181 DLP E . 8.89 3.66 16.26
H182 DLP E . 7.43 2.77 16.48
H19 DLP E . 10.01 1.71 15.62
H20 DLP E . 9.32 -0.51 16.03
H211 DLP E . 6.85 0.68 17.37
H212 DLP E . 7.06 -0.95 16.82
H22 DLP E . 9.04 -0.62 18.88
H23 DLP E . 7.57 -1.21 20.63
H241 DLP E . 5.26 -0.47 20.53
H242 DLP E . 5.32 -0.25 18.82
H251 DLP E . 5.86 -3.00 19.14
H252 DLP E . 4.39 -2.30 18.57
H261 DLP E . 3.47 -2.21 20.85
H262 DLP E . 3.88 -3.81 20.38
H271 DLP E . 4.55 -3.27 22.72
H272 DLP E . 5.59 -2.03 22.16
H281 DLP E . 5.92 -4.98 21.46
H282 DLP E . 7.00 -3.71 20.95
H283 DLP E . 6.87 -4.13 22.64
H321 DLP E . 9.71 3.88 14.07
H322 DLP E . 8.27 4.75 14.45
H331 DLP E . 8.16 2.30 13.60
H332 DLP E . 8.43 2.95 12.03
H341 DLP E . 6.12 3.71 13.85
H342 DLP E . 6.42 4.44 12.32
H351 DLP E . 6.19 2.16 11.23
H352 DLP E . 4.75 2.76 11.96
H361 DLP E . 4.63 0.75 12.99
H362 DLP E . 5.81 1.37 14.07
H371 DLP E . 7.61 0.44 12.45
H372 DLP E . 6.32 -0.38 11.65
H381 DLP E . 7.22 -0.76 14.53
H382 DLP E . 5.69 -1.36 13.99
H39 DLP E . 8.01 -2.20 12.26
H40 DLP E . 7.76 -4.38 13.14
H411 DLP E . 6.67 -4.97 15.13
H412 DLP E . 6.58 -3.32 15.64
H42 DLP E . 4.77 -3.48 13.41
H43 DLP E . 2.91 -4.22 14.66
H441 DLP E . 4.83 -4.69 16.96
H442 DLP E . 3.11 -4.55 17.05
H451 DLP E . 3.32 -6.75 15.41
H452 DLP E . 4.78 -6.91 16.31
H461 DLP E . 2.07 -6.58 17.65
H462 DLP E . 2.71 -8.11 17.22
H471 DLP E . 4.72 -7.68 18.67
H472 DLP E . 4.04 -6.17 19.14
H481 DLP E . 3.55 -7.92 20.84
H482 DLP E . 2.75 -8.90 19.64
H483 DLP E . 2.06 -7.37 20.12
C1 DLP F . 36.12 2.89 5.35
C2 DLP F . 36.67 1.80 6.23
C3 DLP F . 37.34 0.73 5.42
C4 DLP F . 39.31 5.78 2.77
C5 DLP F . 40.63 6.21 3.35
C6 DLP F . 41.53 6.66 1.09
C7 DLP F . 42.18 4.63 2.27
C8 DLP F . 43.00 6.80 3.02
C11 DLP F . 36.78 -1.46 4.64
C12 DLP F . 35.82 -2.59 4.83
C13 DLP F . 35.17 -2.57 6.22
C14 DLP F . 34.18 -3.70 6.46
C15 DLP F . 33.10 -3.78 5.40
C16 DLP F . 31.75 -4.32 5.89
C17 DLP F . 31.83 -5.37 6.98
C18 DLP F . 30.59 -6.25 7.04
C19 DLP F . 30.42 -6.96 8.36
C20 DLP F . 30.10 -8.22 8.55
C21 DLP F . 29.84 -9.26 7.50
C22 DLP F . 28.47 -9.21 6.88
C23 DLP F . 28.10 -8.46 5.85
C24 DLP F . 26.73 -8.42 5.22
C25 DLP F . 25.89 -7.26 5.73
C26 DLP F . 24.88 -6.74 4.72
C27 DLP F . 23.83 -7.74 4.31
C28 DLP F . 24.17 -8.48 3.04
C31 DLP F . 37.99 1.91 8.31
C32 DLP F . 37.31 0.59 8.63
C33 DLP F . 35.96 0.71 9.32
C34 DLP F . 35.29 -0.65 9.45
C35 DLP F . 33.88 -0.63 10.03
C36 DLP F . 33.09 -1.90 9.70
C37 DLP F . 31.97 -2.22 10.68
C38 DLP F . 32.46 -2.66 12.06
C39 DLP F . 31.38 -3.25 12.91
C40 DLP F . 31.05 -4.52 12.96
C41 DLP F . 29.98 -5.13 13.81
C42 DLP F . 28.63 -4.89 13.18
C43 DLP F . 28.09 -5.52 12.15
C44 DLP F . 28.70 -6.64 11.38
C45 DLP F . 28.11 -8.00 11.73
C46 DLP F . 28.96 -8.82 12.68
C47 DLP F . 28.17 -9.69 13.65
C48 DLP F . 27.45 -8.91 14.72
N DLP F . 41.83 6.07 2.44
O2 DLP F . 37.65 2.44 7.12
O3 DLP F . 36.44 -0.41 5.40
O11 DLP F . 37.73 -1.48 3.92
O31 DLP F . 38.77 2.42 9.07
O1P DLP F . 39.48 3.88 5.42
O2P DLP F . 38.17 3.08 3.37
O3P DLP F . 37.00 4.03 5.38
O4P DLP F . 38.42 5.51 3.89
P DLP F . 38.34 4.04 4.49
HC11 DLP F . 35.96 2.56 4.33
HC12 DLP F . 35.15 3.25 5.72
HC2 DLP F . 35.84 1.35 6.77
HC31 DLP F . 38.28 0.40 5.86
HC32 DLP F . 37.58 1.09 4.41
HC41 DLP F . 38.88 6.48 2.06
HC42 DLP F . 39.45 4.85 2.22
HC51 DLP F . 40.55 7.26 3.64
HC52 DLP F . 40.83 5.66 4.27
HC61 DLP F . 42.42 6.74 0.46
HC62 DLP F . 40.80 6.06 0.53
HC63 DLP F . 41.10 7.66 1.16
HC71 DLP F . 41.72 4.20 1.38
HC72 DLP F . 41.87 4.03 3.12
HC73 DLP F . 43.26 4.48 2.17
HC81 DLP F . 43.40 6.32 3.91
HC82 DLP F . 42.74 7.81 3.32
HC83 DLP F . 43.84 6.86 2.32
H121 DLP F . 35.06 -2.53 4.06
H122 DLP F . 36.34 -3.53 4.66
H131 DLP F . 35.95 -2.61 6.98
H132 DLP F . 34.69 -1.61 6.37
H141 DLP F . 33.72 -3.57 7.44
H142 DLP F . 34.70 -4.65 6.52
H151 DLP F . 33.45 -4.39 4.57
H152 DLP F . 32.96 -2.79 4.96
H161 DLP F . 31.14 -3.49 6.23
H162 DLP F . 31.20 -4.72 5.03
H171 DLP F . 31.99 -4.89 7.94
H172 DLP F . 32.72 -5.99 6.83
H181 DLP F . 29.70 -5.67 6.83
H182 DLP F . 30.63 -7.00 6.26
H19 DLP F . 30.59 -6.32 9.23
H20 DLP F . 29.99 -8.56 9.57
H211 DLP F . 30.60 -9.18 6.73
H212 DLP F . 29.97 -10.25 7.93
H22 DLP F . 27.73 -9.87 7.33
H23 DLP F . 28.82 -7.80 5.39
H241 DLP F . 26.85 -8.36 4.14
H242 DLP F . 26.23 -9.38 5.41
H251 DLP F . 26.55 -6.45 6.05
H252 DLP F . 25.37 -7.57 6.63
H261 DLP F . 24.40 -5.85 5.13
H262 DLP F . 25.40 -6.37 3.84
H271 DLP F . 23.68 -8.47 5.12
H272 DLP F . 22.86 -7.25 4.21
H281 DLP F . 25.05 -9.12 3.16
H282 DLP F . 24.39 -7.80 2.22
H283 DLP F . 23.36 -9.13 2.70
H321 DLP F . 37.96 0.02 9.28
H322 DLP F . 37.26 -0.05 7.75
H331 DLP F . 36.10 1.15 10.31
H332 DLP F . 35.31 1.41 8.80
H341 DLP F . 35.91 -1.30 10.06
H342 DLP F . 35.26 -1.12 8.47
H351 DLP F . 33.92 -0.48 11.10
H352 DLP F . 33.35 0.24 9.65
H361 DLP F . 32.69 -1.82 8.70
H362 DLP F . 33.78 -2.74 9.66
H371 DLP F . 31.33 -3.00 10.27
H372 DLP F . 31.32 -1.36 10.79
H381 DLP F . 33.27 -3.39 11.95
H382 DLP F . 32.91 -1.82 12.59
H39 DLP F . 30.83 -2.54 13.52
H40 DLP F . 31.60 -5.23 12.34
H411 DLP F . 30.15 -6.20 13.94
H412 DLP F . 30.01 -4.72 14.80
H42 DLP F . 28.08 -4.08 13.66
H43 DLP F . 27.11 -5.22 11.80
H441 DLP F . 28.57 -6.46 10.31
H442 DLP F . 29.79 -6.65 11.51
H451 DLP F . 27.11 -7.85 12.16
H452 DLP F . 27.93 -8.57 10.82
H461 DLP F . 29.62 -8.16 13.26
H462 DLP F . 29.64 -9.45 12.12
H471 DLP F . 28.83 -10.43 14.11
H472 DLP F . 27.44 -10.29 13.08
H481 DLP F . 26.72 -8.21 14.31
H482 DLP F . 26.92 -9.55 15.42
H483 DLP F . 28.15 -8.31 15.31
#